data_5B4P
#
_entry.id   5B4P
#
_cell.length_a   55.837
_cell.length_b   87.553
_cell.length_c   188.392
_cell.angle_alpha   90.00
_cell.angle_beta   90.00
_cell.angle_gamma   90.00
#
_symmetry.space_group_name_H-M   'P 2 2 21'
#
loop_
_entity.id
_entity.type
_entity.pdbx_description
1 polymer repebody
2 polymer 'C5a anaphylatoxin'
3 non-polymer 'PENTAETHYLENE GLYCOL'
4 non-polymer 'SULFATE ION'
5 water water
#
loop_
_entity_poly.entity_id
_entity_poly.type
_entity_poly.pdbx_seq_one_letter_code
_entity_poly.pdbx_strand_id
1 'polypeptide(L)'
;ALETITVSTPIKQIFPDDAFAETIKANLKKKSVTDAVTQNELNSIDQIIANNSDIKSVQGIQYLPNVRYLALGGNKLHDI
SALKELTNLTYLFLDFNQLQLPNGVFDKLTNLKELYLSPNQLQSLPDGVFDKLTNLTILGLDMNQLQSLPKGVFDKLTNL
TELDLSYNQLQSLPKGVFDKLTQLKDLSLSYNQLKSVPDGVFDRLTSLQYIWLHDNPWDCTCPGIRYLSEWINKHSGVVG
GPDSAKCSGSGKPVRSIICPT
;
A,C
2 'polypeptide(L)' STLQKKIEEIAAKYKHSVVKKCCYDGACVNNDETCEQRAARISLGPRCIKAFTECCVVASQLRANISHKDMQLGR B,D
#
# COMPACT_ATOMS: atom_id res chain seq x y z
N GLU A 3 5.09 -5.21 -27.87
CA GLU A 3 4.24 -6.38 -28.17
C GLU A 3 2.80 -6.14 -27.77
N THR A 4 1.86 -6.77 -28.50
CA THR A 4 0.46 -6.46 -28.30
C THR A 4 -0.54 -7.42 -28.87
N ILE A 5 -1.80 -6.99 -28.88
CA ILE A 5 -2.92 -7.86 -29.21
C ILE A 5 -3.89 -7.31 -30.28
N THR A 6 -4.18 -8.17 -31.26
CA THR A 6 -5.09 -7.86 -32.36
C THR A 6 -6.55 -7.70 -31.92
N VAL A 7 -7.01 -8.58 -31.03
CA VAL A 7 -8.43 -8.63 -30.70
C VAL A 7 -8.63 -8.87 -29.21
N SER A 8 -9.88 -9.05 -28.78
CA SER A 8 -10.15 -9.51 -27.42
C SER A 8 -9.49 -10.86 -27.18
N THR A 9 -9.38 -11.29 -25.93
CA THR A 9 -8.63 -12.52 -25.59
C THR A 9 -8.72 -12.86 -24.11
N PRO A 10 -8.68 -14.13 -23.76
CA PRO A 10 -8.76 -14.51 -22.36
C PRO A 10 -7.49 -14.13 -21.59
N ILE A 11 -7.66 -13.62 -20.38
CA ILE A 11 -6.53 -13.31 -19.50
C ILE A 11 -5.52 -14.45 -19.42
N LYS A 12 -6.02 -15.67 -19.20
CA LYS A 12 -5.15 -16.82 -19.00
C LYS A 12 -4.35 -17.25 -20.23
N GLN A 13 -4.63 -16.63 -21.38
CA GLN A 13 -3.89 -16.99 -22.60
C GLN A 13 -2.63 -16.16 -22.70
N ILE A 14 -2.70 -14.95 -22.18
CA ILE A 14 -1.57 -14.04 -22.13
C ILE A 14 -0.66 -14.41 -20.97
N PHE A 15 -1.27 -14.73 -19.84
CA PHE A 15 -0.53 -14.97 -18.60
C PHE A 15 -0.69 -16.41 -18.14
N PRO A 16 0.12 -17.32 -18.71
CA PRO A 16 0.01 -18.74 -18.38
C PRO A 16 0.40 -19.09 -16.95
N ASP A 17 1.29 -18.31 -16.35
CA ASP A 17 1.56 -18.48 -14.92
C ASP A 17 0.25 -18.20 -14.21
N ASP A 18 -0.25 -19.22 -13.52
CA ASP A 18 -1.53 -19.12 -12.84
C ASP A 18 -1.50 -18.05 -11.75
N ALA A 19 -0.41 -18.00 -10.98
CA ALA A 19 -0.28 -16.99 -9.94
C ALA A 19 -0.26 -15.58 -10.53
N PHE A 20 0.47 -15.43 -11.63
CA PHE A 20 0.55 -14.12 -12.30
C PHE A 20 -0.80 -13.67 -12.85
N ALA A 21 -1.54 -14.60 -13.44
CA ALA A 21 -2.85 -14.31 -13.99
C ALA A 21 -3.79 -13.78 -12.92
N GLU A 22 -3.75 -14.39 -11.74
CA GLU A 22 -4.57 -13.96 -10.62
C GLU A 22 -4.20 -12.55 -10.21
N THR A 23 -2.90 -12.27 -10.17
CA THR A 23 -2.39 -10.96 -9.79
C THR A 23 -2.87 -9.91 -10.79
N ILE A 24 -2.82 -10.26 -12.08
CA ILE A 24 -3.22 -9.34 -13.13
C ILE A 24 -4.72 -9.04 -13.06
N LYS A 25 -5.52 -10.05 -12.76
CA LYS A 25 -6.97 -9.89 -12.68
C LYS A 25 -7.34 -8.92 -11.57
N ALA A 26 -6.68 -9.05 -10.42
CA ALA A 26 -6.94 -8.19 -9.28
C ALA A 26 -6.62 -6.75 -9.64
N ASN A 27 -5.53 -6.58 -10.37
CA ASN A 27 -5.10 -5.27 -10.84
C ASN A 27 -6.10 -4.65 -11.80
N LEU A 28 -6.68 -5.50 -12.65
CA LEU A 28 -7.58 -5.07 -13.70
C LEU A 28 -9.02 -5.02 -13.27
N LYS A 29 -9.27 -5.27 -11.98
CA LYS A 29 -10.62 -5.22 -11.46
C LYS A 29 -11.48 -6.24 -12.21
N LYS A 30 -10.86 -7.38 -12.50
CA LYS A 30 -11.50 -8.47 -13.24
C LYS A 30 -12.56 -9.13 -12.40
N LYS A 31 -13.29 -10.06 -13.02
CA LYS A 31 -14.23 -10.89 -12.30
C LYS A 31 -13.64 -12.27 -12.08
N SER A 32 -12.85 -12.74 -13.06
CA SER A 32 -12.17 -14.03 -12.97
C SER A 32 -10.83 -14.04 -13.70
N VAL A 33 -10.32 -15.23 -14.02
CA VAL A 33 -9.11 -15.35 -14.83
C VAL A 33 -9.48 -15.61 -16.29
N THR A 34 -10.68 -16.11 -16.51
CA THR A 34 -11.16 -16.51 -17.82
C THR A 34 -11.34 -15.35 -18.81
N ASP A 35 -11.80 -14.19 -18.33
CA ASP A 35 -12.26 -13.12 -19.20
C ASP A 35 -11.20 -12.55 -20.14
N ALA A 36 -11.61 -12.30 -21.38
CA ALA A 36 -10.75 -11.70 -22.39
C ALA A 36 -10.48 -10.24 -22.08
N VAL A 37 -9.31 -9.75 -22.45
CA VAL A 37 -8.91 -8.39 -22.16
C VAL A 37 -8.55 -7.59 -23.42
N THR A 38 -9.05 -6.36 -23.49
CA THR A 38 -8.68 -5.44 -24.55
C THR A 38 -7.26 -4.95 -24.38
N GLN A 39 -6.62 -4.59 -25.49
CA GLN A 39 -5.26 -4.06 -25.48
C GLN A 39 -5.15 -2.76 -24.66
N ASN A 40 -6.18 -1.92 -24.75
CA ASN A 40 -6.19 -0.67 -23.98
C ASN A 40 -6.15 -0.91 -22.49
N GLU A 41 -6.85 -1.95 -22.04
CA GLU A 41 -6.91 -2.28 -20.64
C GLU A 41 -5.49 -2.59 -20.11
N LEU A 42 -4.71 -3.27 -20.93
CA LEU A 42 -3.35 -3.59 -20.58
C LEU A 42 -2.54 -2.32 -20.44
N ASN A 43 -2.87 -1.37 -21.31
CA ASN A 43 -2.24 -0.04 -21.30
C ASN A 43 -2.55 0.72 -20.01
N SER A 44 -3.76 0.52 -19.49
CA SER A 44 -4.21 1.25 -18.32
C SER A 44 -3.34 1.00 -17.09
N ILE A 45 -2.96 -0.26 -16.88
CA ILE A 45 -2.12 -0.58 -15.74
C ILE A 45 -0.72 -0.03 -15.91
N ASP A 46 -0.24 0.66 -14.89
CA ASP A 46 1.09 1.25 -14.90
C ASP A 46 2.01 0.65 -13.86
N GLN A 47 1.42 -0.01 -12.88
CA GLN A 47 2.20 -0.64 -11.82
C GLN A 47 1.65 -2.01 -11.40
N ILE A 48 2.55 -2.89 -10.99
CA ILE A 48 2.19 -4.25 -10.48
C ILE A 48 2.94 -4.61 -9.21
N ILE A 49 2.16 -4.97 -8.18
CA ILE A 49 2.70 -5.31 -6.86
C ILE A 49 2.17 -6.60 -6.25
N ALA A 50 2.95 -7.69 -6.32
CA ALA A 50 2.53 -8.99 -5.82
C ALA A 50 3.56 -9.68 -4.95
N ASN A 51 3.07 -10.37 -3.92
CA ASN A 51 3.90 -11.18 -3.11
C ASN A 51 3.26 -12.53 -2.79
N ASN A 52 3.26 -13.39 -3.81
CA ASN A 52 2.77 -14.75 -3.71
C ASN A 52 3.88 -15.75 -3.97
N SER A 53 3.85 -16.88 -3.26
CA SER A 53 4.88 -17.91 -3.38
C SER A 53 4.73 -18.68 -4.66
N ASP A 54 3.53 -18.63 -5.19
CA ASP A 54 3.16 -19.45 -6.35
C ASP A 54 3.40 -18.81 -7.74
N ILE A 55 4.05 -17.64 -7.78
CA ILE A 55 4.41 -17.08 -9.04
C ILE A 55 5.76 -17.58 -9.49
N LYS A 56 5.84 -18.13 -10.71
CA LYS A 56 7.10 -18.65 -11.28
C LYS A 56 7.42 -18.00 -12.65
N SER A 57 6.51 -17.19 -13.17
CA SER A 57 6.79 -16.49 -14.43
C SER A 57 5.94 -15.23 -14.67
N VAL A 58 6.62 -14.12 -14.97
CA VAL A 58 5.92 -12.94 -15.42
C VAL A 58 5.72 -12.93 -16.91
N GLN A 59 5.55 -14.10 -17.52
CA GLN A 59 5.30 -14.17 -18.98
C GLN A 59 4.01 -13.41 -19.29
N GLY A 60 4.03 -12.68 -20.40
CA GLY A 60 2.93 -11.79 -20.75
C GLY A 60 3.04 -10.43 -20.10
N ILE A 61 4.12 -10.23 -19.36
CA ILE A 61 4.42 -8.95 -18.76
C ILE A 61 4.69 -7.90 -19.84
N GLN A 62 5.30 -8.34 -20.94
CA GLN A 62 5.65 -7.47 -22.04
C GLN A 62 4.46 -6.76 -22.69
N TYR A 63 3.33 -7.46 -22.75
CA TYR A 63 2.17 -6.92 -23.46
C TYR A 63 1.68 -5.58 -22.90
N LEU A 64 1.75 -5.42 -21.59
CA LEU A 64 1.39 -4.15 -20.96
C LEU A 64 2.58 -3.22 -20.90
N PRO A 65 2.65 -2.27 -21.83
CA PRO A 65 3.77 -1.32 -21.96
C PRO A 65 3.88 -0.31 -20.83
N ASN A 66 2.73 0.13 -20.32
CA ASN A 66 2.67 1.25 -19.36
C ASN A 66 2.82 0.88 -17.86
N VAL A 67 3.47 -0.23 -17.57
CA VAL A 67 3.97 -0.50 -16.24
C VAL A 67 5.22 0.37 -16.00
N ARG A 68 5.17 1.21 -14.98
CA ARG A 68 6.30 2.09 -14.65
C ARG A 68 7.04 1.56 -13.43
N TYR A 69 6.33 0.72 -12.66
CA TYR A 69 6.68 0.26 -11.32
C TYR A 69 6.36 -1.22 -11.08
N LEU A 70 7.38 -2.07 -11.02
CA LEU A 70 7.12 -3.48 -10.73
C LEU A 70 7.64 -4.00 -9.37
N ALA A 71 6.72 -4.42 -8.51
CA ALA A 71 7.10 -5.12 -7.23
C ALA A 71 6.72 -6.60 -7.10
N LEU A 72 7.72 -7.49 -7.18
CA LEU A 72 7.44 -8.90 -7.10
C LEU A 72 8.28 -9.65 -6.12
N GLY A 73 7.60 -10.45 -5.30
CA GLY A 73 8.26 -11.36 -4.37
C GLY A 73 7.68 -12.75 -4.45
N GLY A 74 8.57 -13.74 -4.49
CA GLY A 74 8.12 -15.11 -4.51
C GLY A 74 9.19 -16.11 -4.16
N ASN A 75 8.80 -17.38 -4.09
CA ASN A 75 9.76 -18.43 -3.88
C ASN A 75 10.73 -18.55 -5.02
N LYS A 76 10.18 -18.64 -6.22
CA LYS A 76 11.01 -18.78 -7.44
C LYS A 76 10.42 -18.01 -8.61
N LEU A 77 11.29 -17.40 -9.41
CA LEU A 77 10.84 -16.64 -10.61
C LEU A 77 11.60 -17.20 -11.78
N HIS A 78 10.88 -17.58 -12.84
CA HIS A 78 11.55 -18.32 -13.92
C HIS A 78 11.92 -17.61 -15.24
N ASP A 79 11.11 -16.68 -15.73
CA ASP A 79 11.49 -16.08 -17.01
C ASP A 79 11.13 -14.62 -17.03
N ILE A 80 12.03 -13.86 -16.43
CA ILE A 80 11.87 -12.44 -16.35
C ILE A 80 12.27 -11.82 -17.69
N SER A 81 12.33 -12.67 -18.72
CA SER A 81 12.64 -12.23 -20.05
C SER A 81 11.52 -11.41 -20.62
N ALA A 82 10.30 -11.68 -20.17
CA ALA A 82 9.12 -10.93 -20.58
C ALA A 82 9.25 -9.43 -20.39
N LEU A 83 10.12 -9.01 -19.48
CA LEU A 83 10.16 -7.61 -19.11
C LEU A 83 11.35 -6.91 -19.65
N LYS A 84 12.19 -7.64 -20.39
CA LYS A 84 13.45 -7.03 -20.88
C LYS A 84 13.12 -5.96 -21.92
N GLU A 85 11.85 -5.90 -22.27
CA GLU A 85 11.39 -5.00 -23.33
C GLU A 85 10.66 -3.77 -22.83
N LEU A 86 10.56 -3.60 -21.51
CA LEU A 86 9.82 -2.45 -20.96
C LEU A 86 10.75 -1.30 -20.60
N THR A 87 10.65 -0.22 -21.37
CA THR A 87 11.46 0.96 -21.14
C THR A 87 10.63 1.95 -20.34
N ASN A 88 9.37 1.62 -20.09
CA ASN A 88 8.50 2.49 -19.29
C ASN A 88 8.56 2.24 -17.79
N LEU A 89 9.35 1.28 -17.36
CA LEU A 89 9.41 0.93 -15.95
C LEU A 89 10.55 1.65 -15.23
N THR A 90 10.22 2.66 -14.43
CA THR A 90 11.20 3.35 -13.63
C THR A 90 11.65 2.52 -12.42
N TYR A 91 10.73 1.79 -11.81
CA TYR A 91 10.97 1.10 -10.52
C TYR A 91 10.74 -0.41 -10.63
N LEU A 92 11.76 -1.17 -10.24
CA LEU A 92 11.73 -2.65 -10.33
C LEU A 92 12.23 -3.32 -9.07
N PHE A 93 11.30 -3.89 -8.32
CA PHE A 93 11.71 -4.54 -7.08
C PHE A 93 11.48 -6.06 -7.14
N LEU A 94 12.55 -6.84 -7.11
CA LEU A 94 12.45 -8.30 -7.26
C LEU A 94 12.95 -9.06 -6.05
N ASP A 95 12.04 -9.62 -5.25
CA ASP A 95 12.44 -10.38 -4.04
C ASP A 95 12.03 -11.84 -4.00
N PHE A 96 12.96 -12.71 -4.42
CA PHE A 96 12.69 -14.14 -4.66
C PHE A 96 13.86 -14.96 -4.23
N ASN A 97 13.61 -16.20 -3.77
CA ASN A 97 14.69 -17.11 -3.32
C ASN A 97 15.65 -17.45 -4.45
N GLN A 98 15.12 -17.49 -5.67
CA GLN A 98 16.01 -17.46 -6.83
C GLN A 98 15.26 -16.95 -8.02
N LEU A 99 15.94 -16.16 -8.86
CA LEU A 99 15.44 -15.77 -10.16
C LEU A 99 16.58 -16.06 -11.11
N GLN A 100 16.28 -16.06 -12.40
CA GLN A 100 17.32 -16.33 -13.39
C GLN A 100 17.67 -15.13 -14.28
N LEU A 101 18.89 -14.63 -14.16
CA LEU A 101 19.35 -13.53 -14.99
C LEU A 101 19.61 -13.88 -16.47
N PRO A 102 18.70 -13.46 -17.35
CA PRO A 102 19.01 -13.77 -18.72
C PRO A 102 20.26 -13.03 -19.05
N ASN A 103 20.83 -13.31 -20.22
CA ASN A 103 21.84 -12.43 -20.81
C ASN A 103 21.23 -11.08 -21.30
N GLY A 104 21.81 -9.97 -20.83
CA GLY A 104 21.43 -8.62 -21.26
C GLY A 104 20.02 -8.10 -20.87
N VAL A 105 19.46 -8.68 -19.81
CA VAL A 105 18.10 -8.44 -19.44
C VAL A 105 17.84 -6.92 -19.25
N PHE A 106 18.84 -6.24 -18.71
CA PHE A 106 18.69 -4.89 -18.26
C PHE A 106 18.97 -3.89 -19.35
N ASP A 107 19.54 -4.37 -20.44
CA ASP A 107 19.97 -3.54 -21.58
C ASP A 107 18.92 -2.56 -22.20
N LYS A 108 17.63 -2.82 -22.07
CA LYS A 108 16.65 -1.93 -22.68
C LYS A 108 15.84 -1.02 -21.73
N LEU A 109 15.88 -1.27 -20.41
CA LEU A 109 15.10 -0.43 -19.47
C LEU A 109 15.93 0.76 -19.03
N THR A 110 16.24 1.64 -19.98
CA THR A 110 17.09 2.80 -19.72
C THR A 110 16.49 3.76 -18.68
N ASN A 111 15.18 3.87 -18.69
CA ASN A 111 14.43 4.75 -17.82
C ASN A 111 14.53 4.46 -16.32
N LEU A 112 14.52 3.20 -15.90
CA LEU A 112 14.35 2.89 -14.49
C LEU A 112 15.53 3.39 -13.66
N LYS A 113 15.22 4.01 -12.52
CA LYS A 113 16.23 4.56 -11.64
C LYS A 113 16.46 3.73 -10.39
N GLU A 114 15.50 2.88 -10.04
CA GLU A 114 15.64 2.05 -8.84
C GLU A 114 15.44 0.58 -9.10
N LEU A 115 16.43 -0.22 -8.75
CA LEU A 115 16.33 -1.66 -8.99
C LEU A 115 16.72 -2.49 -7.77
N TYR A 116 15.88 -3.43 -7.39
CA TYR A 116 16.27 -4.36 -6.32
C TYR A 116 16.28 -5.76 -6.81
N LEU A 117 17.43 -6.40 -6.72
CA LEU A 117 17.55 -7.75 -7.24
C LEU A 117 17.51 -8.91 -6.26
N SER A 118 17.65 -10.13 -6.79
CA SER A 118 17.58 -11.34 -5.95
C SER A 118 18.73 -12.28 -6.26
N PRO A 119 18.90 -13.32 -5.40
CA PRO A 119 19.91 -14.35 -5.62
C PRO A 119 19.61 -15.05 -6.94
N ASN A 120 20.62 -15.11 -7.80
CA ASN A 120 20.39 -15.70 -9.09
C ASN A 120 21.12 -17.00 -9.20
N GLN A 121 20.98 -17.60 -10.38
CA GLN A 121 21.52 -18.93 -10.68
C GLN A 121 23.07 -19.05 -10.53
N LEU A 122 23.79 -18.05 -11.04
CA LEU A 122 25.24 -18.09 -11.14
C LEU A 122 25.99 -17.71 -9.87
N GLN A 123 25.24 -17.33 -8.83
CA GLN A 123 25.82 -16.95 -7.54
C GLN A 123 26.76 -15.77 -7.74
N SER A 124 26.49 -14.99 -8.77
CA SER A 124 27.32 -13.85 -9.13
C SER A 124 26.58 -12.93 -10.09
N LEU A 125 27.16 -11.76 -10.34
CA LEU A 125 26.63 -10.83 -11.32
C LEU A 125 27.40 -10.94 -12.62
N PRO A 126 26.70 -11.18 -13.73
CA PRO A 126 27.33 -11.33 -15.04
C PRO A 126 28.04 -10.07 -15.50
N ASP A 127 29.10 -10.25 -16.29
CA ASP A 127 29.88 -9.12 -16.78
C ASP A 127 29.02 -8.13 -17.58
N GLY A 128 29.22 -6.85 -17.30
CA GLY A 128 28.45 -5.77 -17.87
C GLY A 128 26.97 -5.71 -17.54
N VAL A 129 26.57 -6.32 -16.43
CA VAL A 129 25.16 -6.40 -16.03
C VAL A 129 24.35 -5.08 -16.13
N PHE A 130 24.92 -3.98 -15.68
CA PHE A 130 24.18 -2.76 -15.33
C PHE A 130 24.41 -1.62 -16.29
N ASP A 131 25.33 -1.84 -17.22
CA ASP A 131 25.95 -0.74 -17.94
C ASP A 131 25.02 0.12 -18.76
N LYS A 132 23.92 -0.46 -19.22
CA LYS A 132 22.94 0.36 -19.90
C LYS A 132 22.20 1.23 -18.90
N LEU A 133 22.47 1.06 -17.62
CA LEU A 133 21.62 1.66 -16.61
C LEU A 133 22.16 2.98 -16.04
N THR A 134 22.01 4.07 -16.80
CA THR A 134 22.62 5.38 -16.51
C THR A 134 21.81 6.18 -15.49
N ASN A 135 20.51 6.28 -15.75
CA ASN A 135 19.63 6.98 -14.86
C ASN A 135 19.46 6.30 -13.48
N LEU A 136 19.81 5.02 -13.38
CA LEU A 136 19.59 4.34 -12.12
C LEU A 136 20.33 5.05 -11.01
N THR A 137 19.61 5.36 -9.93
CA THR A 137 20.20 6.08 -8.81
C THR A 137 20.26 5.20 -7.56
N ILE A 138 19.41 4.20 -7.52
CA ILE A 138 19.36 3.29 -6.37
C ILE A 138 19.63 1.86 -6.82
N LEU A 139 20.58 1.21 -6.16
CA LEU A 139 20.88 -0.20 -6.46
C LEU A 139 20.96 -1.15 -5.23
N GLY A 140 19.90 -1.92 -5.01
CA GLY A 140 19.86 -2.94 -3.95
C GLY A 140 20.30 -4.36 -4.27
N LEU A 141 21.53 -4.69 -3.89
CA LEU A 141 22.06 -6.04 -4.00
C LEU A 141 22.07 -6.81 -2.65
N ASP A 142 21.35 -6.29 -1.65
CA ASP A 142 21.29 -6.90 -0.34
C ASP A 142 20.66 -8.28 -0.46
N MET A 143 21.35 -9.28 0.08
CA MET A 143 20.82 -10.62 0.28
C MET A 143 20.84 -11.48 -0.99
N ASN A 144 21.47 -10.96 -2.05
CA ASN A 144 21.60 -11.71 -3.28
C ASN A 144 22.58 -12.84 -3.14
N GLN A 145 23.20 -12.98 -1.97
CA GLN A 145 24.11 -14.09 -1.77
C GLN A 145 25.31 -14.10 -2.74
N LEU A 146 25.62 -12.96 -3.34
CA LEU A 146 26.75 -12.90 -4.29
C LEU A 146 28.06 -13.29 -3.60
N GLN A 147 28.97 -13.84 -4.38
CA GLN A 147 30.17 -14.49 -3.85
C GLN A 147 31.46 -13.89 -4.37
N SER A 148 31.33 -12.98 -5.32
CA SER A 148 32.46 -12.24 -5.88
C SER A 148 31.95 -11.05 -6.66
N LEU A 149 32.85 -10.18 -7.09
CA LEU A 149 32.44 -9.05 -7.90
C LEU A 149 33.29 -8.87 -9.13
N PRO A 150 32.64 -8.62 -10.25
CA PRO A 150 33.26 -8.41 -11.55
C PRO A 150 33.74 -6.98 -11.68
N LYS A 151 35.05 -6.78 -11.76
CA LYS A 151 35.61 -5.43 -11.89
C LYS A 151 34.87 -4.60 -12.95
N GLY A 152 34.56 -3.36 -12.59
CA GLY A 152 33.84 -2.42 -13.45
C GLY A 152 32.33 -2.62 -13.43
N VAL A 153 31.84 -3.42 -12.49
CA VAL A 153 30.45 -3.80 -12.57
C VAL A 153 29.61 -2.56 -12.39
N PHE A 154 30.17 -1.66 -11.58
CA PHE A 154 29.45 -0.50 -11.14
C PHE A 154 29.86 0.73 -11.94
N ASP A 155 30.87 0.56 -12.79
CA ASP A 155 31.56 1.69 -13.39
C ASP A 155 30.73 2.62 -14.29
N LYS A 156 29.53 2.20 -14.67
CA LYS A 156 28.69 3.02 -15.53
C LYS A 156 27.53 3.63 -14.80
N LEU A 157 27.65 3.79 -13.48
CA LEU A 157 26.49 4.08 -12.63
C LEU A 157 26.60 5.44 -11.89
N THR A 158 26.90 6.50 -12.64
CA THR A 158 27.29 7.83 -12.10
C THR A 158 26.34 8.57 -11.17
N ASN A 159 25.06 8.51 -11.49
CA ASN A 159 24.01 9.15 -10.74
C ASN A 159 23.61 8.26 -9.56
N LEU A 160 24.43 7.23 -9.30
CA LEU A 160 24.10 6.26 -8.26
C LEU A 160 24.13 6.88 -6.85
N THR A 161 22.94 7.22 -6.32
CA THR A 161 22.81 7.76 -4.96
C THR A 161 23.40 6.76 -3.95
N GLU A 162 22.82 5.56 -3.86
CA GLU A 162 23.22 4.53 -2.91
C GLU A 162 23.30 3.11 -3.48
N LEU A 163 23.95 2.24 -2.69
CA LEU A 163 24.39 0.94 -3.17
C LEU A 163 24.52 0.00 -2.01
N ASP A 164 23.62 -0.98 -1.94
CA ASP A 164 23.55 -1.87 -0.77
C ASP A 164 24.15 -3.24 -1.07
N LEU A 165 25.31 -3.53 -0.49
CA LEU A 165 25.92 -4.83 -0.73
C LEU A 165 25.90 -5.73 0.54
N SER A 166 25.00 -5.40 1.47
CA SER A 166 25.01 -6.13 2.69
C SER A 166 24.51 -7.52 2.34
N TYR A 167 24.75 -8.49 3.22
CA TYR A 167 24.17 -9.86 3.13
C TYR A 167 24.53 -10.67 1.86
N ASN A 168 25.82 -10.76 1.60
CA ASN A 168 26.32 -11.50 0.48
C ASN A 168 27.46 -12.33 1.03
N GLN A 169 28.24 -12.99 0.19
CA GLN A 169 29.38 -13.70 0.72
C GLN A 169 30.62 -13.21 0.05
N LEU A 170 30.67 -11.91 -0.21
CA LEU A 170 31.88 -11.32 -0.81
C LEU A 170 33.08 -11.48 0.11
N GLN A 171 34.21 -11.88 -0.43
CA GLN A 171 35.43 -12.01 0.35
C GLN A 171 36.42 -10.89 0.04
N SER A 172 36.26 -10.24 -1.11
CA SER A 172 37.15 -9.15 -1.53
C SER A 172 36.44 -8.20 -2.49
N LEU A 173 36.96 -6.99 -2.63
CA LEU A 173 36.44 -6.02 -3.54
C LEU A 173 37.46 -5.75 -4.63
N PRO A 174 37.01 -5.77 -5.90
CA PRO A 174 37.87 -5.43 -7.03
C PRO A 174 38.40 -4.01 -6.89
N LYS A 175 39.66 -3.80 -7.29
CA LYS A 175 40.27 -2.49 -7.22
C LYS A 175 39.46 -1.46 -8.00
N GLY A 176 39.24 -0.29 -7.40
CA GLY A 176 38.50 0.79 -8.03
C GLY A 176 37.08 0.38 -8.39
N VAL A 177 36.54 -0.52 -7.58
CA VAL A 177 35.18 -1.00 -7.79
C VAL A 177 34.20 0.16 -7.66
N PHE A 178 34.45 1.01 -6.67
CA PHE A 178 33.59 2.12 -6.39
C PHE A 178 34.02 3.41 -7.05
N ASP A 179 35.16 3.39 -7.72
CA ASP A 179 35.84 4.61 -8.11
C ASP A 179 35.16 5.45 -9.20
N LYS A 180 34.01 4.99 -9.70
CA LYS A 180 33.32 5.71 -10.79
C LYS A 180 32.06 6.44 -10.36
N LEU A 181 31.74 6.42 -9.07
CA LEU A 181 30.54 7.11 -8.60
C LEU A 181 30.90 8.31 -7.74
N THR A 182 30.74 9.49 -8.33
CA THR A 182 31.00 10.75 -7.66
C THR A 182 29.92 11.00 -6.63
N GLN A 183 28.68 10.65 -6.97
CA GLN A 183 27.51 11.02 -6.18
C GLN A 183 27.10 10.03 -5.09
N LEU A 184 27.80 8.91 -5.00
CA LEU A 184 27.40 7.94 -3.99
C LEU A 184 27.40 8.57 -2.61
N LYS A 185 26.30 8.45 -1.88
CA LYS A 185 26.20 9.01 -0.55
C LYS A 185 26.34 7.95 0.55
N ASP A 186 25.58 6.86 0.41
CA ASP A 186 25.62 5.79 1.41
C ASP A 186 25.94 4.42 0.80
N LEU A 187 26.91 3.73 1.39
CA LEU A 187 27.29 2.39 0.95
C LEU A 187 27.28 1.46 2.15
N SER A 188 26.61 0.33 1.99
CA SER A 188 26.56 -0.69 3.04
C SER A 188 27.32 -1.91 2.60
N LEU A 189 28.25 -2.35 3.41
CA LEU A 189 29.05 -3.52 3.10
C LEU A 189 28.99 -4.52 4.25
N SER A 190 27.98 -4.39 5.09
CA SER A 190 27.91 -5.18 6.29
C SER A 190 27.33 -6.54 5.99
N TYR A 191 27.62 -7.48 6.89
CA TYR A 191 27.12 -8.84 6.80
C TYR A 191 27.67 -9.55 5.58
N ASN A 192 28.96 -9.42 5.35
CA ASN A 192 29.64 -10.15 4.30
C ASN A 192 30.76 -11.00 4.85
N GLN A 193 31.71 -11.34 3.98
CA GLN A 193 32.83 -12.19 4.35
C GLN A 193 34.13 -11.47 4.07
N LEU A 194 34.08 -10.14 4.06
CA LEU A 194 35.26 -9.34 3.82
C LEU A 194 36.26 -9.59 4.92
N LYS A 195 37.52 -9.56 4.54
CA LYS A 195 38.60 -9.77 5.46
C LYS A 195 39.47 -8.54 5.35
N SER A 196 39.39 -7.88 4.19
CA SER A 196 40.14 -6.65 3.94
C SER A 196 39.62 -5.99 2.67
N VAL A 197 39.92 -4.71 2.47
CA VAL A 197 39.47 -4.00 1.27
C VAL A 197 40.60 -3.37 0.48
N PRO A 198 40.40 -3.22 -0.84
CA PRO A 198 41.46 -2.64 -1.67
C PRO A 198 41.81 -1.24 -1.20
N ASP A 199 43.09 -1.01 -0.95
CA ASP A 199 43.59 0.31 -0.63
C ASP A 199 43.08 1.30 -1.65
N GLY A 200 42.39 2.32 -1.18
CA GLY A 200 41.92 3.36 -2.06
C GLY A 200 40.51 3.14 -2.57
N VAL A 201 39.88 2.04 -2.15
CA VAL A 201 38.52 1.75 -2.58
C VAL A 201 37.57 2.93 -2.37
N PHE A 202 37.56 3.48 -1.16
CA PHE A 202 36.65 4.55 -0.82
C PHE A 202 37.18 5.94 -1.13
N ASP A 203 38.30 6.00 -1.84
CA ASP A 203 39.05 7.26 -1.99
C ASP A 203 38.36 8.36 -2.79
N ARG A 204 37.48 7.98 -3.72
CA ARG A 204 36.78 8.97 -4.56
C ARG A 204 35.31 9.18 -4.15
N LEU A 205 34.97 8.74 -2.93
CA LEU A 205 33.56 8.72 -2.49
C LEU A 205 33.13 9.96 -1.76
N THR A 206 33.08 11.07 -2.46
CA THR A 206 32.85 12.39 -1.83
C THR A 206 31.47 12.70 -1.30
N SER A 207 30.44 12.46 -2.10
CA SER A 207 29.09 12.88 -1.75
C SER A 207 28.56 11.78 -0.85
N LEU A 208 29.49 10.97 -0.34
CA LEU A 208 29.20 9.85 0.55
C LEU A 208 28.96 10.27 1.98
N GLN A 209 27.72 10.12 2.44
CA GLN A 209 27.27 10.49 3.79
C GLN A 209 27.29 9.32 4.81
N TYR A 210 26.51 8.26 4.60
CA TYR A 210 26.53 7.11 5.52
C TYR A 210 27.16 5.85 4.91
N ILE A 211 27.60 4.92 5.78
CA ILE A 211 28.14 3.61 5.38
C ILE A 211 28.02 2.59 6.52
N TRP A 212 28.07 1.30 6.18
CA TRP A 212 28.05 0.23 7.18
C TRP A 212 29.18 -0.76 6.98
N LEU A 213 29.91 -1.07 8.04
CA LEU A 213 31.07 -1.99 7.95
C LEU A 213 31.07 -3.19 8.90
N HIS A 214 30.14 -3.24 9.86
CA HIS A 214 30.12 -4.28 10.88
C HIS A 214 29.79 -5.65 10.36
N ASP A 215 30.25 -6.69 11.06
CA ASP A 215 29.86 -8.06 10.72
C ASP A 215 30.56 -8.56 9.46
N ASN A 216 31.82 -8.17 9.32
CA ASN A 216 32.76 -8.77 8.39
C ASN A 216 33.98 -9.23 9.18
N PRO A 217 34.56 -10.37 8.79
CA PRO A 217 35.72 -10.88 9.50
C PRO A 217 37.01 -10.23 8.99
N TRP A 218 37.32 -9.04 9.49
CA TRP A 218 38.48 -8.29 8.97
C TRP A 218 39.79 -8.84 9.45
N ASP A 219 40.76 -8.99 8.53
CA ASP A 219 42.13 -9.38 8.87
C ASP A 219 42.84 -8.21 9.54
N CYS A 220 43.19 -8.39 10.82
CA CYS A 220 43.68 -7.24 11.62
C CYS A 220 45.21 -7.20 11.77
N THR A 221 45.91 -7.89 10.89
CA THR A 221 47.39 -7.87 10.88
C THR A 221 47.97 -6.48 10.53
N CYS A 222 49.04 -6.11 11.23
CA CYS A 222 49.60 -4.75 11.24
C CYS A 222 49.89 -4.07 9.88
N PRO A 223 50.45 -4.83 8.90
CA PRO A 223 50.96 -4.22 7.66
C PRO A 223 50.00 -4.16 6.44
N GLY A 224 48.69 -4.08 6.68
CA GLY A 224 47.73 -4.00 5.57
C GLY A 224 46.56 -3.08 5.79
N ILE A 225 45.91 -3.22 6.94
CA ILE A 225 44.60 -2.62 7.24
C ILE A 225 44.70 -1.20 7.79
N ARG A 226 45.93 -0.70 7.89
CA ARG A 226 46.17 0.61 8.45
C ARG A 226 45.39 1.65 7.65
N TYR A 227 45.39 1.48 6.33
CA TYR A 227 44.67 2.37 5.45
C TYR A 227 43.20 2.36 5.77
N LEU A 228 42.66 1.16 5.98
CA LEU A 228 41.25 1.00 6.32
C LEU A 228 40.96 1.68 7.66
N SER A 229 41.85 1.47 8.62
CA SER A 229 41.71 2.09 9.94
C SER A 229 41.76 3.61 9.85
N GLU A 230 42.67 4.11 9.02
CA GLU A 230 42.84 5.55 8.86
C GLU A 230 41.58 6.19 8.28
N TRP A 231 40.97 5.51 7.31
CA TRP A 231 39.76 5.99 6.70
C TRP A 231 38.63 6.06 7.70
N ILE A 232 38.54 5.03 8.53
CA ILE A 232 37.52 4.97 9.57
C ILE A 232 37.73 6.10 10.57
N ASN A 233 39.00 6.33 10.92
CA ASN A 233 39.36 7.40 11.87
C ASN A 233 39.17 8.79 11.27
N LYS A 234 39.24 8.86 9.94
CA LYS A 234 39.21 10.12 9.19
C LYS A 234 37.90 10.42 8.43
N HIS A 235 36.82 9.72 8.75
CA HIS A 235 35.49 10.04 8.18
C HIS A 235 34.40 9.61 9.13
N SER A 236 33.19 10.18 8.99
CA SER A 236 32.13 10.00 10.01
C SER A 236 30.77 9.56 9.43
N GLY A 237 30.84 8.98 8.24
CA GLY A 237 29.65 8.36 7.65
C GLY A 237 29.35 6.99 8.22
N VAL A 238 30.09 6.59 9.26
CA VAL A 238 30.03 5.22 9.74
C VAL A 238 28.80 4.97 10.62
N VAL A 239 27.70 4.59 9.94
CA VAL A 239 26.43 4.21 10.60
C VAL A 239 26.72 3.10 11.61
N GLY A 240 26.17 3.24 12.81
CA GLY A 240 26.46 2.31 13.91
C GLY A 240 27.70 2.63 14.74
N GLY A 241 28.57 3.50 14.23
CA GLY A 241 29.71 4.02 14.96
C GLY A 241 30.96 3.16 14.96
N PRO A 242 32.09 3.72 14.53
CA PRO A 242 33.33 2.96 14.27
C PRO A 242 33.72 1.88 15.29
N ASP A 243 33.06 1.85 16.46
CA ASP A 243 33.29 0.77 17.41
C ASP A 243 32.81 -0.50 16.74
N SER A 244 31.80 -0.33 15.91
CA SER A 244 31.09 -1.42 15.28
C SER A 244 32.01 -2.39 14.54
N ALA A 245 32.61 -1.93 13.44
CA ALA A 245 33.53 -2.80 12.71
C ALA A 245 34.56 -3.34 13.70
N LYS A 246 34.95 -4.61 13.53
CA LYS A 246 35.83 -5.26 14.50
C LYS A 246 36.82 -6.30 13.90
N CYS A 247 37.95 -6.49 14.59
CA CYS A 247 39.02 -7.40 14.20
C CYS A 247 38.77 -8.83 14.61
N SER A 248 39.56 -9.75 14.07
CA SER A 248 39.52 -11.14 14.57
C SER A 248 40.29 -11.29 15.90
N GLY A 249 39.54 -11.56 16.96
CA GLY A 249 40.06 -11.63 18.32
C GLY A 249 39.68 -10.36 19.08
N SER A 250 40.03 -9.22 18.49
CA SER A 250 39.78 -7.93 19.14
C SER A 250 38.39 -7.41 18.76
N GLY A 251 38.16 -6.14 19.09
CA GLY A 251 36.90 -5.46 18.85
C GLY A 251 37.06 -4.33 17.87
N LYS A 252 36.97 -3.10 18.38
CA LYS A 252 37.19 -1.92 17.58
C LYS A 252 38.36 -2.28 16.72
N PRO A 253 38.62 -1.48 15.71
CA PRO A 253 39.90 -1.50 15.06
C PRO A 253 40.80 -0.72 15.98
N VAL A 254 41.91 -0.19 15.52
CA VAL A 254 42.69 0.51 16.48
C VAL A 254 44.12 0.82 16.11
N ARG A 255 44.75 1.54 17.03
CA ARG A 255 45.97 2.29 16.77
C ARG A 255 47.12 1.41 16.35
N SER A 256 47.81 1.81 15.29
CA SER A 256 48.95 1.05 14.83
C SER A 256 49.03 1.00 13.31
N SER B 1 3.61 4.84 23.76
CA SER B 1 4.53 3.67 23.85
C SER B 1 3.74 2.35 23.97
N THR B 2 2.82 2.18 23.02
CA THR B 2 1.98 0.97 22.93
C THR B 2 2.59 -0.04 21.93
N LEU B 3 2.60 -1.32 22.31
CA LEU B 3 3.15 -2.37 21.44
C LEU B 3 2.82 -2.16 19.98
N GLN B 4 1.53 -2.10 19.65
CA GLN B 4 1.06 -1.87 18.26
C GLN B 4 1.86 -0.76 17.59
N LYS B 5 2.04 0.30 18.38
CA LYS B 5 2.81 1.44 17.96
C LYS B 5 4.24 1.05 17.77
N LYS B 6 4.85 0.54 18.83
CA LYS B 6 6.26 0.18 18.79
C LYS B 6 6.55 -0.67 17.58
N ILE B 7 5.68 -1.64 17.28
CA ILE B 7 5.93 -2.54 16.14
C ILE B 7 5.74 -1.78 14.84
N GLU B 8 4.65 -1.01 14.80
CA GLU B 8 4.49 0.02 13.80
C GLU B 8 5.80 0.79 13.61
N GLU B 9 6.54 1.00 14.67
CA GLU B 9 7.76 1.83 14.59
C GLU B 9 8.95 1.08 14.00
N ILE B 10 9.06 -0.19 14.36
CA ILE B 10 10.02 -1.14 13.75
C ILE B 10 9.70 -1.38 12.28
N ALA B 11 8.42 -1.67 12.06
CA ALA B 11 7.86 -1.81 10.72
C ALA B 11 8.26 -0.67 9.85
N ALA B 12 7.87 0.54 10.24
CA ALA B 12 8.07 1.72 9.43
C ALA B 12 9.51 1.88 8.90
N LYS B 13 10.47 1.20 9.53
CA LYS B 13 11.86 1.33 9.08
C LYS B 13 12.17 0.40 7.88
N TYR B 14 11.16 -0.30 7.39
CA TYR B 14 11.24 -1.05 6.14
C TYR B 14 10.55 -0.21 5.08
N LYS B 15 11.18 -0.02 3.94
CA LYS B 15 10.57 0.85 2.93
C LYS B 15 9.49 0.15 2.06
N HIS B 16 9.82 -1.01 1.53
CA HIS B 16 8.98 -1.68 0.55
C HIS B 16 7.72 -2.23 1.18
N SER B 17 6.61 -2.06 0.49
CA SER B 17 5.31 -2.45 1.05
C SER B 17 5.19 -3.95 1.29
N VAL B 18 5.69 -4.75 0.37
CA VAL B 18 5.57 -6.19 0.49
C VAL B 18 6.42 -6.68 1.67
N VAL B 19 7.59 -6.08 1.83
CA VAL B 19 8.42 -6.36 3.02
C VAL B 19 7.74 -5.91 4.31
N LYS B 20 7.09 -4.76 4.29
CA LYS B 20 6.41 -4.23 5.48
C LYS B 20 5.31 -5.17 5.96
N LYS B 21 4.59 -5.75 5.00
CA LYS B 21 3.55 -6.71 5.34
C LYS B 21 4.13 -7.93 6.04
N CYS B 22 5.33 -8.35 5.57
CA CYS B 22 6.04 -9.46 6.16
C CYS B 22 6.28 -9.26 7.65
N CYS B 23 6.76 -8.06 8.02
CA CYS B 23 7.12 -7.77 9.41
C CYS B 23 5.86 -7.80 10.29
N TYR B 24 4.74 -7.29 9.77
CA TYR B 24 3.48 -7.30 10.53
C TYR B 24 3.07 -8.71 10.76
N ASP B 25 3.29 -9.54 9.74
CA ASP B 25 2.99 -10.96 9.83
C ASP B 25 3.82 -11.68 10.88
N GLY B 26 5.11 -11.36 10.96
CA GLY B 26 5.96 -11.99 11.97
C GLY B 26 5.55 -11.55 13.37
N ALA B 27 5.22 -10.26 13.53
CA ALA B 27 4.72 -9.73 14.80
C ALA B 27 3.52 -10.58 15.30
N CYS B 28 2.48 -10.65 14.48
CA CYS B 28 1.35 -11.48 14.77
C CYS B 28 1.83 -12.81 15.34
N VAL B 29 1.23 -13.10 16.49
CA VAL B 29 1.75 -14.02 17.47
C VAL B 29 1.36 -15.45 17.19
N ASN B 30 2.36 -16.31 17.07
CA ASN B 30 2.04 -17.71 17.01
C ASN B 30 2.37 -18.43 18.31
N ASN B 31 1.54 -19.41 18.63
CA ASN B 31 1.51 -20.02 19.95
C ASN B 31 2.30 -21.33 20.08
N ASP B 32 2.30 -22.13 19.02
CA ASP B 32 2.71 -23.50 19.13
C ASP B 32 4.05 -23.71 18.52
N GLU B 33 4.73 -22.63 18.14
CA GLU B 33 5.99 -22.71 17.40
C GLU B 33 6.75 -21.40 17.39
N THR B 34 8.03 -21.45 17.04
CA THR B 34 8.92 -20.28 17.21
C THR B 34 9.07 -19.49 15.91
N CYS B 35 9.56 -18.26 16.03
CA CYS B 35 9.71 -17.39 14.86
C CYS B 35 10.43 -18.19 13.80
N GLU B 36 11.39 -18.98 14.27
CA GLU B 36 12.18 -19.84 13.42
C GLU B 36 11.32 -20.87 12.71
N GLN B 37 10.71 -21.76 13.47
CA GLN B 37 9.84 -22.75 12.86
C GLN B 37 8.85 -22.10 11.89
N ARG B 38 8.17 -21.05 12.33
CA ARG B 38 7.12 -20.36 11.55
C ARG B 38 7.65 -19.91 10.20
N ALA B 39 8.93 -19.57 10.16
CA ALA B 39 9.55 -19.05 8.96
C ALA B 39 9.80 -20.13 7.93
N ALA B 40 10.00 -21.37 8.39
CA ALA B 40 10.21 -22.47 7.46
C ALA B 40 8.97 -22.70 6.58
N ARG B 41 7.82 -22.78 7.20
CA ARG B 41 6.59 -22.98 6.44
C ARG B 41 6.41 -21.93 5.31
N ILE B 42 7.25 -20.91 5.29
CA ILE B 42 7.10 -19.81 4.35
C ILE B 42 7.96 -19.96 3.08
N SER B 43 7.41 -19.52 1.95
CA SER B 43 8.11 -19.71 0.69
C SER B 43 8.47 -18.41 0.00
N LEU B 44 8.19 -17.29 0.64
CA LEU B 44 8.59 -15.97 0.16
C LEU B 44 10.13 -15.78 0.04
N GLY B 45 10.52 -14.63 -0.51
CA GLY B 45 11.91 -14.28 -0.80
C GLY B 45 12.75 -13.89 0.41
N PRO B 46 14.04 -13.71 0.20
CA PRO B 46 15.01 -13.42 1.26
C PRO B 46 14.71 -12.15 2.10
N ARG B 47 14.22 -11.08 1.46
CA ARG B 47 13.97 -9.88 2.20
C ARG B 47 12.82 -10.13 3.11
N CYS B 48 11.71 -10.63 2.54
CA CYS B 48 10.60 -10.99 3.38
C CYS B 48 11.02 -11.72 4.58
N ILE B 49 11.73 -12.83 4.39
CA ILE B 49 12.02 -13.76 5.48
C ILE B 49 12.80 -13.09 6.56
N LYS B 50 13.81 -12.31 6.19
CA LYS B 50 14.65 -11.64 7.18
C LYS B 50 13.78 -10.66 7.96
N ALA B 51 12.90 -9.95 7.26
CA ALA B 51 11.98 -9.02 7.90
C ALA B 51 11.00 -9.70 8.82
N PHE B 52 10.44 -10.79 8.35
CA PHE B 52 9.40 -11.53 9.11
C PHE B 52 9.99 -12.17 10.35
N THR B 53 11.19 -12.73 10.24
CA THR B 53 11.86 -13.33 11.37
C THR B 53 12.27 -12.27 12.38
N GLU B 54 12.79 -11.16 11.91
CA GLU B 54 13.29 -10.11 12.80
C GLU B 54 12.16 -9.44 13.56
N CYS B 55 11.03 -9.23 12.88
CA CYS B 55 9.87 -8.60 13.50
C CYS B 55 9.33 -9.48 14.61
N CYS B 56 9.27 -10.78 14.35
CA CYS B 56 8.73 -11.74 15.27
C CYS B 56 9.57 -11.81 16.55
N VAL B 57 10.87 -11.82 16.40
CA VAL B 57 11.81 -11.80 17.51
C VAL B 57 11.69 -10.58 18.38
N VAL B 58 11.62 -9.40 17.76
CA VAL B 58 11.51 -8.15 18.49
C VAL B 58 10.19 -8.08 19.25
N ALA B 59 9.10 -8.46 18.60
CA ALA B 59 7.78 -8.39 19.22
C ALA B 59 7.71 -9.34 20.43
N SER B 60 8.28 -10.52 20.29
CA SER B 60 8.28 -11.48 21.37
C SER B 60 9.08 -10.98 22.56
N GLN B 61 10.23 -10.37 22.29
CA GLN B 61 11.03 -9.79 23.36
C GLN B 61 10.27 -8.63 24.01
N LEU B 62 9.60 -7.83 23.18
CA LEU B 62 8.80 -6.73 23.69
C LEU B 62 7.72 -7.27 24.60
N ARG B 63 7.14 -8.39 24.21
CA ARG B 63 6.18 -9.10 25.04
C ARG B 63 6.88 -9.54 26.30
N ALA B 64 8.14 -9.93 26.17
CA ALA B 64 8.97 -10.31 27.33
C ALA B 64 9.22 -9.11 28.25
N ASN B 65 9.12 -7.91 27.70
CA ASN B 65 9.32 -6.70 28.49
C ASN B 65 10.76 -6.45 28.77
N ILE B 66 11.63 -6.80 27.84
CA ILE B 66 13.05 -6.51 27.97
C ILE B 66 13.24 -5.15 27.34
N SER B 67 14.08 -4.32 27.95
CA SER B 67 14.35 -2.98 27.43
C SER B 67 15.10 -3.07 26.09
N HIS B 68 14.78 -2.16 25.18
CA HIS B 68 15.46 -2.08 23.90
C HIS B 68 16.93 -2.30 24.14
N LYS B 69 17.43 -1.69 25.22
CA LYS B 69 18.79 -1.91 25.67
C LYS B 69 19.12 -3.41 25.77
N ASP B 70 18.35 -4.13 26.59
CA ASP B 70 18.55 -5.57 26.79
C ASP B 70 18.18 -6.36 25.53
N MET B 71 17.67 -5.63 24.51
CA MET B 71 17.20 -6.22 23.24
C MET B 71 18.30 -6.44 22.20
N GLN B 72 18.38 -7.69 21.74
CA GLN B 72 19.43 -8.13 20.84
C GLN B 72 19.21 -7.65 19.42
N ALA C 1 -3.40 34.03 -2.45
CA ALA C 1 -4.40 32.93 -2.54
C ALA C 1 -3.69 31.55 -2.56
N LEU C 2 -2.54 31.47 -3.23
CA LEU C 2 -1.70 30.27 -3.16
C LEU C 2 -0.70 30.47 -2.04
N GLU C 3 -0.73 29.54 -1.07
CA GLU C 3 0.06 29.61 0.17
C GLU C 3 1.45 28.97 0.16
N THR C 4 2.43 29.66 0.72
CA THR C 4 3.80 29.14 0.64
C THR C 4 4.75 29.72 1.69
N ILE C 5 5.90 29.08 1.79
CA ILE C 5 6.87 29.38 2.81
C ILE C 5 7.94 30.11 2.06
N THR C 6 8.34 31.24 2.62
CA THR C 6 9.39 32.08 2.05
C THR C 6 10.77 31.51 2.29
N VAL C 7 10.97 30.97 3.50
CA VAL C 7 12.26 30.44 3.92
C VAL C 7 12.05 29.12 4.63
N SER C 8 13.08 28.28 4.66
CA SER C 8 12.91 26.93 5.22
C SER C 8 12.43 27.07 6.66
N THR C 9 11.44 26.26 7.02
CA THR C 9 10.84 26.32 8.33
C THR C 9 10.67 24.91 8.87
N PRO C 10 10.70 24.78 10.19
CA PRO C 10 10.56 23.47 10.81
C PRO C 10 9.20 22.82 10.50
N ILE C 11 9.22 21.55 10.16
CA ILE C 11 8.03 20.80 9.98
C ILE C 11 7.02 21.05 11.08
N LYS C 12 7.46 21.00 12.32
CA LYS C 12 6.50 21.13 13.40
C LYS C 12 5.78 22.49 13.41
N GLN C 13 6.45 23.54 12.94
CA GLN C 13 5.90 24.90 12.91
C GLN C 13 4.76 25.06 11.89
N ILE C 14 4.89 24.31 10.80
CA ILE C 14 3.91 24.31 9.72
C ILE C 14 2.77 23.37 10.06
N PHE C 15 3.13 22.23 10.64
CA PHE C 15 2.21 21.18 10.94
C PHE C 15 2.03 21.07 12.45
N PRO C 16 1.14 21.92 13.01
CA PRO C 16 0.87 22.01 14.45
C PRO C 16 0.45 20.68 15.07
N ASP C 17 -0.48 19.99 14.42
CA ASP C 17 -0.93 18.71 14.87
C ASP C 17 0.24 17.79 14.85
N ASP C 18 0.50 17.17 15.99
CA ASP C 18 1.73 16.36 16.14
C ASP C 18 1.73 15.07 15.33
N ALA C 19 0.60 14.39 15.36
CA ALA C 19 0.44 13.18 14.61
C ALA C 19 0.60 13.49 13.12
N PHE C 20 0.21 14.71 12.73
CA PHE C 20 0.31 15.12 11.33
C PHE C 20 1.72 15.53 10.95
N ALA C 21 2.36 16.32 11.83
CA ALA C 21 3.73 16.74 11.60
C ALA C 21 4.61 15.55 11.30
N GLU C 22 4.27 14.39 11.86
CA GLU C 22 5.15 13.22 11.75
C GLU C 22 4.93 12.47 10.43
N THR C 23 3.67 12.29 10.07
CA THR C 23 3.39 11.82 8.74
C THR C 23 4.26 12.57 7.75
N ILE C 24 4.23 13.90 7.84
CA ILE C 24 4.90 14.68 6.86
C ILE C 24 6.38 14.41 6.89
N LYS C 25 6.94 14.24 8.06
CA LYS C 25 8.37 14.00 8.11
C LYS C 25 8.65 12.65 7.48
N ALA C 26 7.75 11.70 7.71
CA ALA C 26 7.78 10.40 7.03
C ALA C 26 7.82 10.63 5.54
N ASN C 27 6.84 11.39 5.04
CA ASN C 27 6.79 11.60 3.61
C ASN C 27 8.03 12.19 3.07
N LEU C 28 8.64 13.05 3.86
CA LEU C 28 9.79 13.77 3.41
C LEU C 28 11.05 13.07 3.90
N LYS C 29 10.86 11.99 4.66
CA LYS C 29 11.96 11.20 5.22
C LYS C 29 13.07 12.05 5.83
N LYS C 30 12.76 12.73 6.94
CA LYS C 30 13.74 13.51 7.69
C LYS C 30 13.90 12.88 9.07
N LYS C 31 15.05 13.12 9.70
CA LYS C 31 15.34 12.58 11.02
C LYS C 31 14.31 13.00 12.07
N SER C 32 14.13 14.31 12.27
CA SER C 32 13.18 14.79 13.27
C SER C 32 12.08 15.72 12.75
N VAL C 33 11.07 15.94 13.58
CA VAL C 33 9.91 16.74 13.23
C VAL C 33 10.23 18.25 13.35
N THR C 34 11.43 18.54 13.78
CA THR C 34 11.84 19.90 14.01
C THR C 34 12.65 20.40 12.84
N ASP C 35 13.17 19.49 12.03
CA ASP C 35 14.00 19.87 10.90
C ASP C 35 13.26 20.91 10.09
N ALA C 36 14.04 21.82 9.50
CA ALA C 36 13.45 22.89 8.70
C ALA C 36 13.23 22.38 7.28
N VAL C 37 12.30 23.01 6.54
CA VAL C 37 11.97 22.59 5.18
C VAL C 37 11.74 23.76 4.22
N THR C 38 12.22 23.53 3.00
CA THR C 38 12.08 24.47 1.93
C THR C 38 10.81 24.14 1.22
N GLN C 39 10.18 25.17 0.65
CA GLN C 39 8.90 25.06 -0.02
C GLN C 39 9.03 24.19 -1.25
N ASN C 40 10.27 24.00 -1.72
CA ASN C 40 10.51 23.02 -2.77
C ASN C 40 10.31 21.58 -2.29
N GLU C 41 10.88 21.28 -1.12
CA GLU C 41 10.60 20.03 -0.44
C GLU C 41 9.09 19.82 -0.29
N LEU C 42 8.35 20.87 0.00
CA LEU C 42 6.92 20.73 0.15
C LEU C 42 6.30 20.32 -1.19
N ASN C 43 6.64 21.08 -2.22
CA ASN C 43 6.17 20.78 -3.58
C ASN C 43 6.38 19.36 -4.07
N SER C 44 7.38 18.69 -3.52
CA SER C 44 7.77 17.38 -4.00
C SER C 44 6.67 16.34 -3.76
N ILE C 45 5.95 16.51 -2.66
CA ILE C 45 5.05 15.50 -2.17
C ILE C 45 3.63 15.64 -2.74
N ASP C 46 3.19 14.55 -3.37
CA ASP C 46 1.92 14.52 -4.07
C ASP C 46 0.95 13.47 -3.55
N GLN C 47 1.37 12.66 -2.58
CA GLN C 47 0.39 11.76 -1.93
C GLN C 47 0.66 11.56 -0.43
N ILE C 48 -0.38 11.74 0.39
CA ILE C 48 -0.28 11.40 1.83
C ILE C 48 -1.28 10.36 2.28
N ILE C 49 -0.83 9.44 3.14
CA ILE C 49 -1.66 8.34 3.59
C ILE C 49 -1.44 7.98 5.04
N ALA C 50 -2.36 8.41 5.89
CA ALA C 50 -2.26 8.07 7.28
C ALA C 50 -3.57 7.51 7.81
N ASN C 51 -3.41 6.55 8.72
CA ASN C 51 -4.48 6.09 9.57
C ASN C 51 -3.90 6.06 10.97
N ASN C 52 -3.84 7.24 11.61
CA ASN C 52 -3.55 7.39 13.05
C ASN C 52 -4.67 8.10 13.78
N SER C 53 -4.99 7.67 15.00
CA SER C 53 -6.08 8.22 15.82
C SER C 53 -5.69 9.55 16.44
N ASP C 54 -4.41 9.66 16.76
CA ASP C 54 -3.89 10.82 17.47
C ASP C 54 -4.08 12.14 16.74
N ILE C 55 -3.87 12.15 15.43
CA ILE C 55 -4.01 13.38 14.67
C ILE C 55 -5.44 13.91 14.66
N LYS C 56 -5.60 15.21 14.88
CA LYS C 56 -6.92 15.84 14.91
C LYS C 56 -7.03 16.96 13.88
N SER C 57 -5.92 17.42 13.33
CA SER C 57 -5.94 18.50 12.31
C SER C 57 -4.96 18.31 11.17
N VAL C 58 -5.32 18.83 9.99
CA VAL C 58 -4.44 18.78 8.81
C VAL C 58 -3.85 20.13 8.46
N GLN C 59 -3.93 21.09 9.38
CA GLN C 59 -3.28 22.38 9.21
C GLN C 59 -1.86 22.35 8.67
N GLY C 60 -1.61 23.14 7.62
CA GLY C 60 -0.34 23.10 6.83
C GLY C 60 -0.42 22.35 5.52
N ILE C 61 -1.47 21.54 5.37
CA ILE C 61 -1.52 20.64 4.22
C ILE C 61 -1.71 21.48 2.96
N GLN C 62 -2.20 22.70 3.17
CA GLN C 62 -2.34 23.71 2.10
C GLN C 62 -1.06 24.29 1.58
N TYR C 63 0.07 24.03 2.26
CA TYR C 63 1.37 24.36 1.68
C TYR C 63 1.82 23.27 0.72
N LEU C 64 1.02 22.24 0.50
CA LEU C 64 1.42 21.17 -0.42
C LEU C 64 0.59 21.22 -1.71
N PRO C 65 1.07 21.99 -2.73
CA PRO C 65 0.16 22.26 -3.85
C PRO C 65 -0.06 21.07 -4.73
N ASN C 66 0.93 20.16 -4.78
CA ASN C 66 0.89 19.03 -5.69
C ASN C 66 0.43 17.67 -5.14
N VAL C 67 -0.14 17.65 -3.95
CA VAL C 67 -0.79 16.44 -3.44
C VAL C 67 -2.01 16.12 -4.31
N ARG C 68 -2.00 14.94 -4.95
CA ARG C 68 -3.05 14.48 -5.89
C ARG C 68 -4.05 13.56 -5.20
N TYR C 69 -3.57 12.86 -4.18
CA TYR C 69 -4.32 11.77 -3.56
C TYR C 69 -4.08 11.82 -2.06
N LEU C 70 -5.13 12.05 -1.30
CA LEU C 70 -5.01 12.15 0.18
C LEU C 70 -5.99 11.18 0.86
N ALA C 71 -5.47 10.23 1.62
CA ALA C 71 -6.32 9.36 2.44
C ALA C 71 -5.86 9.37 3.89
N LEU C 72 -6.76 9.80 4.78
CA LEU C 72 -6.55 9.68 6.21
C LEU C 72 -7.75 9.12 6.95
N GLY C 73 -7.43 8.43 8.05
CA GLY C 73 -8.45 7.89 8.94
C GLY C 73 -8.06 8.31 10.37
N GLY C 74 -9.06 8.79 11.10
CA GLY C 74 -8.84 9.05 12.47
C GLY C 74 -10.10 9.08 13.27
N ASN C 75 -9.95 9.19 14.60
CA ASN C 75 -11.14 9.20 15.44
C ASN C 75 -11.88 10.50 15.25
N LYS C 76 -11.13 11.57 15.33
CA LYS C 76 -11.70 12.93 15.14
C LYS C 76 -10.79 13.79 14.27
N LEU C 77 -11.36 14.47 13.29
CA LEU C 77 -10.53 15.28 12.39
C LEU C 77 -11.11 16.64 12.35
N HIS C 78 -10.28 17.63 12.67
CA HIS C 78 -10.76 19.00 12.75
C HIS C 78 -10.16 19.87 11.63
N ASP C 79 -10.96 20.81 11.16
CA ASP C 79 -10.51 21.72 10.11
C ASP C 79 -9.77 21.03 8.98
N ILE C 80 -10.60 20.32 8.22
CA ILE C 80 -10.24 19.89 6.91
C ILE C 80 -10.37 21.13 6.04
N SER C 81 -10.75 22.25 6.66
CA SER C 81 -10.76 23.53 5.92
C SER C 81 -9.41 23.81 5.27
N ALA C 82 -8.38 23.19 5.81
CA ALA C 82 -7.03 23.39 5.32
C ALA C 82 -6.78 22.96 3.85
N LEU C 83 -7.77 22.36 3.20
CA LEU C 83 -7.55 21.71 1.91
C LEU C 83 -8.57 22.15 0.89
N LYS C 84 -9.43 23.08 1.27
CA LYS C 84 -10.43 23.62 0.35
C LYS C 84 -9.81 24.29 -0.88
N GLU C 85 -8.48 24.34 -0.86
CA GLU C 85 -7.72 25.05 -1.87
C GLU C 85 -6.72 24.14 -2.55
N LEU C 86 -6.69 22.88 -2.10
CA LEU C 86 -5.84 21.90 -2.75
C LEU C 86 -6.42 21.52 -4.11
N THR C 87 -6.21 22.36 -5.10
CA THR C 87 -6.89 22.19 -6.38
C THR C 87 -6.25 21.07 -7.19
N ASN C 88 -5.03 20.66 -6.82
CA ASN C 88 -4.39 19.54 -7.51
C ASN C 88 -4.91 18.18 -7.04
N LEU C 89 -6.01 18.15 -6.32
CA LEU C 89 -6.42 16.91 -5.65
C LEU C 89 -7.42 16.16 -6.54
N THR C 90 -7.17 14.88 -6.79
CA THR C 90 -8.10 14.08 -7.62
C THR C 90 -8.70 12.92 -6.85
N TYR C 91 -8.00 12.43 -5.82
CA TYR C 91 -8.58 11.36 -5.00
C TYR C 91 -8.45 11.66 -3.54
N LEU C 92 -9.60 11.73 -2.82
CA LEU C 92 -9.63 12.09 -1.38
C LEU C 92 -10.44 11.13 -0.49
N PHE C 93 -9.74 10.54 0.48
CA PHE C 93 -10.32 9.53 1.40
C PHE C 93 -10.22 9.90 2.88
N LEU C 94 -11.38 10.12 3.52
CA LEU C 94 -11.43 10.47 4.93
C LEU C 94 -12.25 9.50 5.77
N ASP C 95 -11.57 8.65 6.56
CA ASP C 95 -12.20 7.66 7.55
C ASP C 95 -12.07 8.09 9.07
N PHE C 96 -13.10 8.73 9.60
CA PHE C 96 -13.04 9.33 10.94
C PHE C 96 -14.41 9.32 11.54
N ASN C 97 -14.46 9.22 12.89
CA ASN C 97 -15.75 9.14 13.55
C ASN C 97 -16.59 10.41 13.44
N GLN C 98 -15.97 11.58 13.46
CA GLN C 98 -16.67 12.86 13.25
C GLN C 98 -15.79 13.76 12.42
N LEU C 99 -16.34 14.26 11.34
CA LEU C 99 -15.61 15.13 10.46
C LEU C 99 -16.21 16.50 10.60
N GLN C 100 -15.37 17.53 10.55
CA GLN C 100 -15.91 18.91 10.61
C GLN C 100 -16.11 19.50 9.22
N LEU C 101 -17.32 19.42 8.67
CA LEU C 101 -17.54 19.93 7.32
C LEU C 101 -17.83 21.44 7.29
N PRO C 102 -16.93 22.23 6.70
CA PRO C 102 -17.25 23.62 6.48
C PRO C 102 -18.25 23.78 5.36
N ASN C 103 -19.00 24.86 5.43
CA ASN C 103 -19.81 25.38 4.33
C ASN C 103 -18.92 25.61 3.10
N GLY C 104 -19.36 25.03 1.95
CA GLY C 104 -18.68 25.11 0.67
C GLY C 104 -17.27 24.56 0.56
N VAL C 105 -16.91 23.57 1.38
CA VAL C 105 -15.58 23.04 1.42
C VAL C 105 -15.11 22.41 0.10
N PHE C 106 -16.01 21.75 -0.61
CA PHE C 106 -15.64 21.05 -1.85
C PHE C 106 -15.73 21.90 -3.11
N ASP C 107 -16.16 23.14 -2.99
CA ASP C 107 -16.31 24.02 -4.14
C ASP C 107 -15.02 24.23 -4.92
N LYS C 108 -13.94 24.46 -4.19
CA LYS C 108 -12.60 24.67 -4.78
C LYS C 108 -12.07 23.42 -5.52
N LEU C 109 -12.33 22.22 -4.98
CA LEU C 109 -11.73 21.01 -5.47
C LEU C 109 -12.42 20.44 -6.72
N THR C 110 -12.29 21.14 -7.84
CA THR C 110 -12.92 20.73 -9.09
C THR C 110 -12.33 19.46 -9.66
N ASN C 111 -11.02 19.26 -9.54
CA ASN C 111 -10.41 17.98 -10.03
C ASN C 111 -10.77 16.66 -9.30
N LEU C 112 -11.57 16.68 -8.25
CA LEU C 112 -11.83 15.41 -7.57
C LEU C 112 -12.55 14.38 -8.47
N LYS C 113 -12.05 13.14 -8.43
CA LYS C 113 -12.58 12.06 -9.20
C LYS C 113 -13.14 10.99 -8.31
N GLU C 114 -12.85 11.07 -7.01
CA GLU C 114 -13.25 10.01 -6.08
C GLU C 114 -13.22 10.52 -4.66
N LEU C 115 -14.41 10.69 -4.07
CA LEU C 115 -14.65 11.24 -2.73
C LEU C 115 -15.22 10.22 -1.77
N TYR C 116 -14.50 9.95 -0.70
CA TYR C 116 -15.03 9.10 0.34
C TYR C 116 -14.99 9.85 1.67
N LEU C 117 -16.18 10.02 2.28
CA LEU C 117 -16.33 10.87 3.46
C LEU C 117 -16.67 10.12 4.76
N SER C 118 -16.29 10.74 5.90
CA SER C 118 -16.66 10.28 7.26
C SER C 118 -17.96 10.96 7.64
N PRO C 119 -18.61 10.53 8.73
CA PRO C 119 -19.82 11.14 9.22
C PRO C 119 -19.55 12.55 9.74
N ASN C 120 -20.58 13.39 9.76
CA ASN C 120 -20.45 14.80 10.15
C ASN C 120 -21.43 15.23 11.25
N GLN C 121 -21.18 16.37 11.87
CA GLN C 121 -21.95 16.83 13.02
C GLN C 121 -23.43 17.07 12.73
N LEU C 122 -23.73 17.68 11.59
CA LEU C 122 -25.11 17.90 11.18
C LEU C 122 -25.79 16.56 10.95
N GLN C 123 -25.06 15.62 10.37
CA GLN C 123 -25.59 14.31 10.06
C GLN C 123 -26.36 14.33 8.75
N SER C 124 -26.19 15.44 8.04
CA SER C 124 -26.80 15.64 6.74
C SER C 124 -25.86 16.45 5.87
N LEU C 125 -26.11 16.43 4.57
CA LEU C 125 -25.31 17.21 3.63
C LEU C 125 -26.01 18.53 3.30
N PRO C 126 -25.26 19.62 3.35
CA PRO C 126 -25.79 20.94 3.01
C PRO C 126 -26.20 21.04 1.55
N ASP C 127 -27.25 21.79 1.29
CA ASP C 127 -27.66 22.11 -0.05
C ASP C 127 -26.44 22.43 -0.88
N GLY C 128 -26.35 21.79 -2.05
CA GLY C 128 -25.31 22.07 -3.02
C GLY C 128 -23.92 21.58 -2.65
N VAL C 129 -23.81 20.70 -1.67
CA VAL C 129 -22.53 20.21 -1.21
C VAL C 129 -21.60 19.77 -2.37
N PHE C 130 -22.13 18.97 -3.31
CA PHE C 130 -21.39 18.33 -4.40
C PHE C 130 -21.63 18.93 -5.77
N ASP C 131 -21.97 20.20 -5.83
CA ASP C 131 -22.31 20.85 -7.08
C ASP C 131 -21.07 21.09 -7.93
N LYS C 132 -20.00 21.53 -7.29
CA LYS C 132 -18.77 21.86 -7.97
C LYS C 132 -18.10 20.66 -8.63
N LEU C 133 -18.18 19.48 -8.02
CA LEU C 133 -17.49 18.29 -8.51
C LEU C 133 -18.07 17.63 -9.74
N THR C 134 -17.95 18.28 -10.88
CA THR C 134 -18.53 17.77 -12.13
C THR C 134 -17.74 16.54 -12.58
N ASN C 135 -16.44 16.61 -12.35
CA ASN C 135 -15.53 15.53 -12.75
C ASN C 135 -15.70 14.22 -11.99
N LEU C 136 -16.20 14.30 -10.75
CA LEU C 136 -16.15 13.16 -9.84
C LEU C 136 -16.89 11.92 -10.37
N THR C 137 -16.28 10.76 -10.17
CA THR C 137 -16.77 9.48 -10.66
C THR C 137 -17.26 8.62 -9.49
N ILE C 138 -16.53 8.57 -8.39
CA ILE C 138 -16.97 7.75 -7.28
C ILE C 138 -17.32 8.57 -6.03
N LEU C 139 -18.42 8.21 -5.37
CA LEU C 139 -18.82 8.94 -4.15
C LEU C 139 -19.11 7.98 -2.98
N GLY C 140 -18.18 7.89 -2.04
CA GLY C 140 -18.38 7.03 -0.87
C GLY C 140 -19.00 7.80 0.29
N LEU C 141 -20.28 7.52 0.50
CA LEU C 141 -21.00 8.14 1.57
C LEU C 141 -21.40 7.10 2.58
N ASP C 142 -20.78 5.92 2.48
CA ASP C 142 -21.09 4.79 3.35
C ASP C 142 -20.69 5.06 4.80
N MET C 143 -21.58 4.68 5.71
CA MET C 143 -21.40 4.83 7.16
C MET C 143 -21.42 6.30 7.57
N ASN C 144 -22.09 7.13 6.81
CA ASN C 144 -22.01 8.55 7.08
C ASN C 144 -23.06 8.93 8.12
N GLN C 145 -23.84 7.92 8.53
CA GLN C 145 -25.01 8.09 9.38
C GLN C 145 -26.04 9.10 8.84
N LEU C 146 -25.86 9.59 7.63
CA LEU C 146 -26.77 10.62 7.20
C LEU C 146 -28.21 10.21 7.51
N GLN C 147 -28.98 11.17 7.97
CA GLN C 147 -30.42 11.00 8.20
C GLN C 147 -31.21 11.13 6.91
N SER C 148 -30.82 12.06 6.05
CA SER C 148 -31.51 12.31 4.78
C SER C 148 -30.63 13.00 3.74
N LEU C 149 -31.10 13.03 2.50
CA LEU C 149 -30.37 13.73 1.44
C LEU C 149 -31.17 14.91 0.93
N PRO C 150 -30.52 16.08 0.82
CA PRO C 150 -31.18 17.25 0.26
C PRO C 150 -31.50 16.99 -1.21
N LYS C 151 -32.73 17.22 -1.64
CA LYS C 151 -33.05 17.20 -3.07
C LYS C 151 -31.96 17.93 -3.83
N GLY C 152 -31.66 17.44 -5.03
CA GLY C 152 -30.69 18.06 -5.90
C GLY C 152 -29.25 17.77 -5.53
N VAL C 153 -29.06 16.88 -4.57
CA VAL C 153 -27.73 16.66 -4.07
C VAL C 153 -26.83 16.03 -5.11
N PHE C 154 -27.40 15.19 -5.97
CA PHE C 154 -26.61 14.44 -6.94
C PHE C 154 -26.72 14.93 -8.36
N ASP C 155 -27.44 16.03 -8.52
CA ASP C 155 -27.84 16.53 -9.82
C ASP C 155 -26.68 16.92 -10.72
N LYS C 156 -25.67 17.58 -10.15
CA LYS C 156 -24.46 17.93 -10.90
C LYS C 156 -23.65 16.72 -11.31
N LEU C 157 -23.63 15.70 -10.48
CA LEU C 157 -22.66 14.61 -10.68
C LEU C 157 -22.98 13.71 -11.92
N THR C 158 -22.88 14.30 -13.10
CA THR C 158 -23.20 13.56 -14.33
C THR C 158 -22.33 12.32 -14.50
N ASN C 159 -21.02 12.52 -14.58
CA ASN C 159 -20.07 11.43 -14.80
C ASN C 159 -20.01 10.36 -13.69
N LEU C 160 -20.85 10.48 -12.66
CA LEU C 160 -20.80 9.53 -11.53
C LEU C 160 -20.98 8.07 -11.92
N THR C 161 -19.97 7.25 -11.68
CA THR C 161 -20.00 5.82 -12.08
C THR C 161 -20.51 4.92 -10.98
N GLU C 162 -20.27 5.27 -9.73
CA GLU C 162 -20.75 4.45 -8.62
C GLU C 162 -20.96 5.28 -7.39
N LEU C 163 -22.06 5.01 -6.67
CA LEU C 163 -22.50 5.88 -5.56
C LEU C 163 -22.92 4.99 -4.43
N ASP C 164 -22.34 5.19 -3.26
CA ASP C 164 -22.53 4.26 -2.15
C ASP C 164 -23.26 4.86 -0.92
N LEU C 165 -24.49 4.40 -0.67
CA LEU C 165 -25.30 5.00 0.41
C LEU C 165 -25.63 3.96 1.50
N SER C 166 -24.71 2.99 1.68
CA SER C 166 -24.89 1.89 2.62
C SER C 166 -24.57 2.27 4.06
N TYR C 167 -25.17 1.57 5.01
CA TYR C 167 -25.04 1.89 6.46
C TYR C 167 -25.25 3.40 6.77
N ASN C 168 -26.46 3.92 6.60
CA ASN C 168 -26.82 5.30 6.97
C ASN C 168 -28.15 5.25 7.67
N GLN C 169 -28.81 6.40 7.83
CA GLN C 169 -30.11 6.39 8.49
C GLN C 169 -31.20 6.93 7.57
N LEU C 170 -30.95 6.85 6.27
CA LEU C 170 -31.95 7.26 5.31
C LEU C 170 -33.19 6.44 5.59
N GLN C 171 -34.34 7.10 5.56
CA GLN C 171 -35.59 6.38 5.59
C GLN C 171 -36.50 6.91 4.52
N SER C 172 -35.91 7.67 3.60
CA SER C 172 -36.65 8.24 2.48
C SER C 172 -35.67 8.62 1.38
N LEU C 173 -36.17 8.70 0.15
CA LEU C 173 -35.39 9.20 -0.96
C LEU C 173 -36.09 10.39 -1.56
N PRO C 174 -35.35 11.48 -1.75
CA PRO C 174 -35.92 12.66 -2.41
C PRO C 174 -36.36 12.31 -3.84
N LYS C 175 -37.48 12.84 -4.27
CA LYS C 175 -37.98 12.57 -5.61
C LYS C 175 -36.95 13.00 -6.65
N GLY C 176 -36.73 12.14 -7.63
CA GLY C 176 -35.79 12.42 -8.72
C GLY C 176 -34.38 12.65 -8.22
N VAL C 177 -34.02 11.95 -7.15
CA VAL C 177 -32.69 12.09 -6.59
C VAL C 177 -31.62 11.62 -7.56
N PHE C 178 -31.90 10.50 -8.24
CA PHE C 178 -30.93 9.94 -9.19
C PHE C 178 -31.21 10.39 -10.60
N ASP C 179 -32.22 11.23 -10.76
CA ASP C 179 -32.60 11.55 -12.10
C ASP C 179 -31.44 11.91 -13.03
N LYS C 180 -30.34 12.41 -12.50
CA LYS C 180 -29.29 12.86 -13.40
C LYS C 180 -28.16 11.84 -13.56
N LEU C 181 -28.28 10.73 -12.84
CA LEU C 181 -27.17 9.77 -12.73
C LEU C 181 -27.15 8.70 -13.86
N THR C 182 -27.24 9.20 -15.08
CA THR C 182 -27.26 8.41 -16.33
C THR C 182 -26.13 7.38 -16.46
N GLN C 183 -24.89 7.81 -16.22
CA GLN C 183 -23.74 6.93 -16.40
C GLN C 183 -23.51 5.99 -15.23
N LEU C 184 -24.41 6.01 -14.24
CA LEU C 184 -24.19 5.23 -13.03
C LEU C 184 -24.14 3.71 -13.27
N LYS C 185 -23.04 3.11 -12.83
CA LYS C 185 -22.84 1.68 -12.97
C LYS C 185 -23.32 0.93 -11.73
N ASP C 186 -22.89 1.37 -10.54
CA ASP C 186 -23.26 0.69 -9.30
C ASP C 186 -23.93 1.58 -8.26
N LEU C 187 -24.81 1.00 -7.45
CA LEU C 187 -25.47 1.76 -6.38
C LEU C 187 -25.77 0.89 -5.18
N SER C 188 -25.26 1.26 -4.02
CA SER C 188 -25.58 0.52 -2.81
C SER C 188 -26.52 1.30 -1.91
N LEU C 189 -27.67 0.73 -1.60
CA LEU C 189 -28.53 1.33 -0.62
C LEU C 189 -28.74 0.37 0.52
N SER C 190 -27.96 -0.70 0.59
CA SER C 190 -28.20 -1.67 1.65
C SER C 190 -28.02 -1.02 3.03
N TYR C 191 -28.66 -1.62 4.03
CA TYR C 191 -28.51 -1.23 5.44
C TYR C 191 -28.92 0.21 5.72
N ASN C 192 -30.19 0.51 5.55
CA ASN C 192 -30.69 1.81 5.87
C ASN C 192 -31.99 1.65 6.58
N GLN C 193 -32.73 2.74 6.74
CA GLN C 193 -34.02 2.72 7.42
C GLN C 193 -35.17 2.83 6.46
N LEU C 194 -34.90 2.79 5.16
CA LEU C 194 -35.91 3.00 4.13
C LEU C 194 -37.01 1.94 4.15
N LYS C 195 -38.26 2.40 4.05
CA LYS C 195 -39.40 1.51 3.96
C LYS C 195 -40.13 1.64 2.62
N SER C 196 -39.86 2.71 1.89
CA SER C 196 -40.48 2.96 0.58
C SER C 196 -39.45 3.65 -0.32
N VAL C 197 -39.66 3.67 -1.63
CA VAL C 197 -38.72 4.35 -2.51
C VAL C 197 -39.52 5.22 -3.44
N PRO C 198 -39.18 6.52 -3.49
CA PRO C 198 -40.08 7.41 -4.20
C PRO C 198 -40.24 6.78 -5.55
N ASP C 199 -41.47 6.51 -5.93
CA ASP C 199 -41.70 5.73 -7.15
C ASP C 199 -41.25 6.51 -8.40
N GLY C 200 -40.59 5.79 -9.30
CA GLY C 200 -39.96 6.37 -10.48
C GLY C 200 -38.47 6.59 -10.26
N VAL C 201 -37.98 6.03 -9.16
CA VAL C 201 -36.70 6.44 -8.65
C VAL C 201 -35.53 5.94 -9.54
N PHE C 202 -35.67 4.76 -10.12
CA PHE C 202 -34.61 4.19 -10.93
C PHE C 202 -34.87 4.25 -12.42
N ASP C 203 -35.77 5.14 -12.85
CA ASP C 203 -36.19 5.18 -14.26
C ASP C 203 -35.08 5.61 -15.21
N ARG C 204 -34.51 6.78 -14.97
CA ARG C 204 -33.49 7.36 -15.84
C ARG C 204 -32.13 6.64 -15.66
N LEU C 205 -32.05 5.75 -14.68
CA LEU C 205 -30.80 5.06 -14.34
C LEU C 205 -30.60 3.91 -15.28
N THR C 206 -30.02 4.20 -16.43
CA THR C 206 -29.88 3.20 -17.51
C THR C 206 -28.75 2.20 -17.29
N SER C 207 -27.62 2.68 -16.79
CA SER C 207 -26.36 1.94 -16.85
C SER C 207 -26.02 1.04 -15.65
N LEU C 208 -26.84 1.05 -14.61
CA LEU C 208 -26.48 0.31 -13.41
C LEU C 208 -26.41 -1.17 -13.66
N GLN C 209 -25.33 -1.79 -13.22
CA GLN C 209 -25.14 -3.22 -13.36
C GLN C 209 -25.30 -3.91 -12.01
N TYR C 210 -25.29 -3.14 -10.95
CA TYR C 210 -25.47 -3.67 -9.60
C TYR C 210 -26.27 -2.70 -8.76
N ILE C 211 -26.97 -3.23 -7.77
CA ILE C 211 -27.64 -2.41 -6.78
C ILE C 211 -27.79 -3.25 -5.53
N TRP C 212 -27.76 -2.62 -4.36
CA TRP C 212 -27.96 -3.36 -3.10
C TRP C 212 -29.07 -2.79 -2.29
N LEU C 213 -30.04 -3.63 -1.94
CA LEU C 213 -31.23 -3.18 -1.18
C LEU C 213 -31.45 -3.99 0.09
N HIS C 214 -30.59 -4.97 0.33
CA HIS C 214 -30.72 -5.85 1.47
C HIS C 214 -30.50 -5.13 2.77
N ASP C 215 -31.21 -5.58 3.81
CA ASP C 215 -31.05 -5.04 5.14
C ASP C 215 -31.71 -3.67 5.25
N ASN C 216 -32.84 -3.55 4.59
CA ASN C 216 -33.66 -2.35 4.64
C ASN C 216 -35.05 -2.78 4.99
N PRO C 217 -35.73 -2.00 5.85
CA PRO C 217 -37.02 -2.34 6.42
C PRO C 217 -38.16 -1.81 5.54
N TRP C 218 -38.36 -2.52 4.42
CA TRP C 218 -39.30 -2.10 3.40
C TRP C 218 -40.74 -2.29 3.82
N ASP C 219 -41.60 -1.33 3.46
CA ASP C 219 -43.04 -1.50 3.61
C ASP C 219 -43.57 -2.38 2.48
N CYS C 220 -43.77 -3.67 2.78
CA CYS C 220 -44.14 -4.63 1.76
C CYS C 220 -45.67 -4.68 1.52
N THR C 221 -46.44 -3.84 2.21
CA THR C 221 -47.89 -3.81 2.02
C THR C 221 -48.29 -3.48 0.59
N CYS C 222 -49.30 -4.19 0.08
CA CYS C 222 -49.80 -4.03 -1.29
C CYS C 222 -50.36 -2.63 -1.54
N PRO C 223 -51.06 -2.09 -0.55
CA PRO C 223 -51.76 -0.83 -0.67
C PRO C 223 -51.04 0.08 -1.65
N ILE C 225 -44.96 1.43 -4.16
CA ILE C 225 -45.20 0.29 -3.27
C ILE C 225 -44.98 -1.09 -3.94
N ARG C 226 -45.16 -1.13 -5.26
CA ARG C 226 -44.83 -2.30 -6.08
C ARG C 226 -43.95 -1.92 -7.28
N TYR C 227 -43.87 -0.63 -7.59
CA TYR C 227 -43.04 -0.16 -8.69
C TYR C 227 -41.62 -0.64 -8.42
N LEU C 228 -41.21 -0.48 -7.17
CA LEU C 228 -39.93 -0.99 -6.73
C LEU C 228 -39.89 -2.51 -6.84
N SER C 229 -40.99 -3.14 -6.46
CA SER C 229 -41.10 -4.59 -6.55
C SER C 229 -41.04 -5.07 -8.01
N GLU C 230 -41.74 -4.35 -8.89
CA GLU C 230 -41.70 -4.66 -10.31
C GLU C 230 -40.30 -4.44 -10.88
N TRP C 231 -39.66 -3.36 -10.44
CA TRP C 231 -38.33 -2.99 -10.95
C TRP C 231 -37.32 -4.06 -10.67
N ILE C 232 -37.37 -4.63 -9.47
CA ILE C 232 -36.44 -5.67 -9.07
C ILE C 232 -36.58 -6.88 -9.98
N ASN C 233 -37.82 -7.24 -10.24
CA ASN C 233 -38.11 -8.33 -11.18
C ASN C 233 -37.68 -7.97 -12.60
N LYS C 234 -37.93 -6.72 -12.97
CA LYS C 234 -37.61 -6.22 -14.31
C LYS C 234 -36.10 -6.22 -14.58
N HIS C 235 -35.30 -5.82 -13.60
CA HIS C 235 -33.85 -5.74 -13.77
C HIS C 235 -33.12 -6.41 -12.67
N SER C 236 -32.65 -7.63 -12.91
CA SER C 236 -31.77 -8.31 -11.96
C SER C 236 -30.30 -7.80 -12.05
N GLY C 237 -30.11 -6.47 -12.12
CA GLY C 237 -28.82 -5.86 -11.78
C GLY C 237 -28.66 -6.08 -10.28
N VAL C 238 -29.79 -6.12 -9.58
CA VAL C 238 -29.86 -6.52 -8.18
C VAL C 238 -28.96 -7.67 -7.90
N VAL C 239 -28.10 -7.49 -6.91
CA VAL C 239 -27.28 -8.58 -6.47
C VAL C 239 -27.68 -8.95 -5.06
N GLY C 240 -27.22 -10.12 -4.64
CA GLY C 240 -27.76 -10.83 -3.50
C GLY C 240 -28.97 -11.56 -4.05
N GLY C 241 -29.33 -11.18 -5.29
CA GLY C 241 -30.44 -11.75 -5.99
C GLY C 241 -31.68 -11.19 -5.36
N PRO C 242 -32.56 -10.66 -6.20
CA PRO C 242 -33.74 -9.93 -5.78
C PRO C 242 -34.41 -10.51 -4.53
N ASP C 243 -34.08 -11.77 -4.24
CA ASP C 243 -34.48 -12.40 -2.98
C ASP C 243 -33.62 -11.85 -1.83
N SER C 244 -32.80 -10.86 -2.18
CA SER C 244 -31.89 -10.18 -1.26
C SER C 244 -32.63 -9.21 -0.33
N ALA C 245 -33.51 -8.40 -0.90
CA ALA C 245 -34.38 -7.51 -0.14
C ALA C 245 -35.40 -8.32 0.65
N LYS C 246 -35.99 -7.72 1.67
CA LYS C 246 -37.03 -8.36 2.48
C LYS C 246 -37.98 -7.29 3.00
N CYS C 247 -39.25 -7.64 3.16
CA CYS C 247 -40.24 -6.73 3.79
C CYS C 247 -40.25 -6.96 5.29
N SER C 248 -40.74 -5.97 6.02
CA SER C 248 -40.85 -6.10 7.47
C SER C 248 -41.74 -7.30 7.88
N GLY C 249 -42.58 -7.75 6.95
CA GLY C 249 -43.44 -8.91 7.11
C GLY C 249 -42.75 -10.21 6.77
N SER C 250 -41.43 -10.16 6.61
CA SER C 250 -40.56 -11.34 6.48
C SER C 250 -40.79 -12.14 5.19
N GLY C 251 -40.50 -11.53 4.04
CA GLY C 251 -40.62 -12.25 2.77
C GLY C 251 -40.01 -11.54 1.60
N LYS C 252 -39.27 -12.28 0.77
CA LYS C 252 -38.53 -11.72 -0.36
C LYS C 252 -39.42 -10.85 -1.24
N PRO C 253 -39.08 -9.56 -1.41
CA PRO C 253 -39.93 -8.56 -2.08
C PRO C 253 -40.17 -8.87 -3.55
N VAL C 254 -39.41 -9.81 -4.10
CA VAL C 254 -39.59 -10.25 -5.47
C VAL C 254 -40.85 -11.10 -5.55
N ARG C 255 -41.03 -12.05 -4.67
CA ARG C 255 -42.29 -12.67 -4.81
C ARG C 255 -43.25 -11.67 -4.26
N SER C 256 -43.45 -11.79 -2.97
CA SER C 256 -44.60 -11.15 -2.47
C SER C 256 -44.93 -10.01 -3.42
N ILE C 257 -44.01 -9.78 -4.36
CA ILE C 257 -44.13 -8.71 -5.34
C ILE C 257 -45.55 -8.58 -5.91
N ILE C 258 -46.13 -9.73 -6.19
CA ILE C 258 -47.50 -9.86 -6.60
C ILE C 258 -48.45 -8.85 -6.00
N CYS C 259 -49.41 -8.40 -6.80
CA CYS C 259 -50.53 -7.69 -6.22
C CYS C 259 -51.80 -7.97 -7.00
N PRO C 260 -52.95 -7.94 -6.32
CA PRO C 260 -54.23 -8.27 -6.95
C PRO C 260 -54.57 -7.34 -8.12
N THR C 261 -54.29 -6.06 -7.97
CA THR C 261 -54.53 -5.11 -9.05
C THR C 261 -55.10 -3.82 -8.47
N SER D 1 -7.66 -24.43 1.31
CA SER D 1 -6.23 -23.98 1.19
C SER D 1 -5.73 -23.46 2.53
N THR D 2 -4.57 -22.80 2.50
CA THR D 2 -3.96 -22.21 3.69
C THR D 2 -4.88 -21.18 4.34
N LEU D 3 -4.91 -21.20 5.67
CA LEU D 3 -5.78 -20.31 6.42
C LEU D 3 -5.42 -18.87 6.13
N GLN D 4 -4.10 -18.60 6.10
CA GLN D 4 -3.60 -17.26 5.85
C GLN D 4 -4.02 -16.82 4.45
N LYS D 5 -3.95 -17.76 3.51
CA LYS D 5 -4.35 -17.46 2.14
C LYS D 5 -5.82 -17.10 2.05
N LYS D 6 -6.64 -17.83 2.79
CA LYS D 6 -8.09 -17.59 2.78
C LYS D 6 -8.41 -16.21 3.29
N ILE D 7 -7.68 -15.79 4.34
CA ILE D 7 -7.87 -14.48 4.93
C ILE D 7 -7.55 -13.39 3.92
N GLU D 8 -6.51 -13.59 3.12
CA GLU D 8 -6.12 -12.62 2.11
C GLU D 8 -7.26 -12.43 1.11
N GLU D 9 -7.91 -13.54 0.77
CA GLU D 9 -9.05 -13.50 -0.11
C GLU D 9 -10.15 -12.59 0.44
N ILE D 10 -10.26 -12.52 1.77
CA ILE D 10 -11.23 -11.64 2.42
C ILE D 10 -10.78 -10.20 2.34
N ALA D 11 -9.52 -10.00 2.70
CA ALA D 11 -8.91 -8.69 2.60
C ALA D 11 -9.08 -8.14 1.19
N ALA D 12 -8.77 -8.97 0.22
CA ALA D 12 -8.80 -8.54 -1.17
C ALA D 12 -10.09 -7.80 -1.42
N LYS D 13 -11.13 -8.23 -0.72
CA LYS D 13 -12.43 -7.60 -0.80
C LYS D 13 -12.36 -6.09 -0.51
N TYR D 14 -11.62 -5.67 0.52
CA TYR D 14 -11.57 -4.25 0.91
C TYR D 14 -10.76 -3.34 -0.03
N LYS D 15 -11.27 -2.13 -0.17
CA LYS D 15 -10.86 -1.16 -1.20
C LYS D 15 -9.50 -0.44 -1.01
N HIS D 16 -9.31 0.15 0.17
CA HIS D 16 -8.15 1.00 0.43
C HIS D 16 -7.20 0.31 1.34
N SER D 17 -5.93 0.68 1.13
CA SER D 17 -4.81 0.13 1.88
C SER D 17 -4.97 0.21 3.39
N VAL D 18 -5.39 1.38 3.85
CA VAL D 18 -5.54 1.64 5.27
C VAL D 18 -6.61 0.72 5.85
N VAL D 19 -7.72 0.58 5.11
CA VAL D 19 -8.79 -0.31 5.54
C VAL D 19 -8.34 -1.77 5.54
N LYS D 20 -7.54 -2.16 4.53
CA LYS D 20 -7.05 -3.52 4.43
C LYS D 20 -6.20 -3.92 5.62
N LYS D 21 -5.36 -3.00 6.07
CA LYS D 21 -4.51 -3.28 7.23
C LYS D 21 -5.35 -3.57 8.49
N CYS D 22 -6.44 -2.84 8.63
CA CYS D 22 -7.30 -3.01 9.79
C CYS D 22 -7.90 -4.42 9.82
N CYS D 23 -8.31 -4.93 8.67
CA CYS D 23 -8.81 -6.28 8.56
C CYS D 23 -7.72 -7.29 8.90
N TYR D 24 -6.50 -7.01 8.44
CA TYR D 24 -5.36 -7.88 8.70
C TYR D 24 -5.08 -7.95 10.18
N ASP D 25 -5.19 -6.80 10.83
CA ASP D 25 -5.01 -6.73 12.28
C ASP D 25 -6.12 -7.44 13.01
N GLY D 26 -7.33 -7.26 12.50
CA GLY D 26 -8.50 -7.94 13.07
C GLY D 26 -8.36 -9.45 12.95
N ALA D 27 -7.87 -9.92 11.80
CA ALA D 27 -7.67 -11.33 11.56
C ALA D 27 -6.66 -11.87 12.55
N CYS D 28 -5.60 -11.11 12.80
CA CYS D 28 -4.59 -11.49 13.75
C CYS D 28 -5.15 -11.75 15.15
N VAL D 29 -4.57 -12.73 15.83
CA VAL D 29 -5.20 -13.40 16.93
C VAL D 29 -5.09 -12.86 18.34
N ASN D 30 -6.21 -12.81 19.03
CA ASN D 30 -6.18 -12.45 20.43
C ASN D 30 -6.90 -13.40 21.38
N ASN D 31 -6.15 -14.00 22.28
CA ASN D 31 -6.68 -14.90 23.33
C ASN D 31 -7.76 -14.26 24.21
N ASP D 32 -7.38 -13.20 24.93
CA ASP D 32 -8.12 -12.78 26.09
C ASP D 32 -9.29 -11.89 25.79
N GLU D 33 -9.44 -11.45 24.54
CA GLU D 33 -10.55 -10.57 24.18
C GLU D 33 -11.50 -11.19 23.14
N THR D 34 -12.73 -10.67 23.06
CA THR D 34 -13.61 -10.95 21.95
C THR D 34 -13.29 -9.95 20.83
N CYS D 35 -13.52 -10.36 19.58
CA CYS D 35 -13.32 -9.43 18.49
C CYS D 35 -13.90 -8.10 18.87
N GLU D 36 -15.06 -8.13 19.51
CA GLU D 36 -15.78 -6.92 19.81
C GLU D 36 -15.08 -6.04 20.81
N GLN D 37 -14.53 -6.67 21.81
CA GLN D 37 -13.86 -5.95 22.84
C GLN D 37 -12.63 -5.35 22.24
N ARG D 38 -11.81 -6.17 21.58
CA ARG D 38 -10.56 -5.68 20.96
C ARG D 38 -10.80 -4.39 20.17
N ALA D 39 -11.90 -4.37 19.41
CA ALA D 39 -12.24 -3.21 18.57
C ALA D 39 -12.73 -2.06 19.40
N ALA D 40 -13.35 -2.36 20.56
CA ALA D 40 -13.84 -1.27 21.44
C ALA D 40 -12.67 -0.34 21.84
N ARG D 41 -11.59 -0.90 22.38
CA ARG D 41 -10.33 -0.17 22.62
C ARG D 41 -9.87 0.72 21.44
N ILE D 42 -10.21 0.35 20.22
CA ILE D 42 -9.81 1.08 19.02
C ILE D 42 -10.49 2.43 18.88
N SER D 43 -9.77 3.39 18.31
CA SER D 43 -10.29 4.74 18.07
C SER D 43 -10.08 5.13 16.60
N LEU D 44 -10.90 4.56 15.71
CA LEU D 44 -10.71 4.70 14.28
C LEU D 44 -12.02 4.92 13.53
N GLY D 45 -11.87 5.26 12.24
CA GLY D 45 -13.01 5.50 11.40
C GLY D 45 -13.84 4.26 11.15
N PRO D 46 -15.10 4.48 10.80
CA PRO D 46 -16.12 3.46 10.70
C PRO D 46 -15.79 2.27 9.78
N ARG D 47 -15.35 2.56 8.56
CA ARG D 47 -14.89 1.54 7.68
C ARG D 47 -13.85 0.68 8.29
N CYS D 48 -12.95 1.31 9.05
CA CYS D 48 -11.83 0.55 9.56
C CYS D 48 -12.16 -0.31 10.81
N ILE D 49 -12.95 0.20 11.72
CA ILE D 49 -13.27 -0.62 12.82
C ILE D 49 -14.13 -1.72 12.25
N LYS D 50 -14.88 -1.47 11.19
CA LYS D 50 -15.76 -2.50 10.75
C LYS D 50 -14.99 -3.64 10.08
N ALA D 51 -14.10 -3.28 9.18
CA ALA D 51 -13.33 -4.23 8.45
C ALA D 51 -12.42 -5.04 9.35
N PHE D 52 -12.29 -4.62 10.59
CA PHE D 52 -11.37 -5.23 11.56
C PHE D 52 -12.24 -6.17 12.37
N THR D 53 -13.38 -5.67 12.80
CA THR D 53 -14.39 -6.49 13.42
C THR D 53 -14.77 -7.62 12.43
N GLU D 54 -15.05 -7.28 11.18
CA GLU D 54 -15.35 -8.31 10.21
C GLU D 54 -14.24 -9.37 9.99
N CYS D 55 -12.97 -8.98 9.91
CA CYS D 55 -11.89 -9.95 9.59
C CYS D 55 -11.48 -10.76 10.79
N CYS D 56 -11.77 -10.23 11.97
CA CYS D 56 -11.46 -10.92 13.23
C CYS D 56 -12.52 -12.05 13.40
N VAL D 57 -13.79 -11.71 13.08
CA VAL D 57 -14.90 -12.65 13.06
C VAL D 57 -14.78 -13.81 12.07
N VAL D 58 -14.74 -13.47 10.80
CA VAL D 58 -14.55 -14.44 9.73
C VAL D 58 -13.35 -15.34 9.96
N ALA D 59 -12.22 -14.77 10.35
CA ALA D 59 -11.04 -15.60 10.58
C ALA D 59 -11.31 -16.54 11.74
N SER D 60 -11.99 -16.05 12.79
CA SER D 60 -12.19 -16.85 13.96
C SER D 60 -13.10 -18.02 13.60
N GLN D 61 -14.01 -17.78 12.65
CA GLN D 61 -14.88 -18.84 12.18
C GLN D 61 -14.09 -19.77 11.27
N LEU D 62 -13.26 -19.21 10.41
CA LEU D 62 -12.43 -20.05 9.61
C LEU D 62 -11.63 -20.89 10.56
N ARG D 63 -11.37 -20.38 11.74
CA ARG D 63 -10.53 -21.16 12.61
C ARG D 63 -11.27 -22.35 13.17
N ALA D 64 -12.59 -22.20 13.28
CA ALA D 64 -13.43 -23.25 13.84
C ALA D 64 -13.96 -24.18 12.75
N ASN D 65 -13.22 -24.33 11.66
CA ASN D 65 -13.61 -25.25 10.56
C ASN D 65 -15.03 -25.02 10.09
N ILE D 66 -15.57 -23.84 10.32
CA ILE D 66 -16.86 -23.48 9.74
C ILE D 66 -16.62 -22.95 8.33
N SER D 67 -17.52 -23.28 7.41
CA SER D 67 -17.35 -22.95 6.00
C SER D 67 -18.24 -21.79 5.57
N HIS D 68 -18.16 -21.48 4.27
CA HIS D 68 -18.89 -20.41 3.62
C HIS D 68 -20.33 -20.22 4.11
N LYS D 69 -21.13 -21.29 4.08
CA LYS D 69 -22.57 -21.18 4.29
C LYS D 69 -22.95 -20.91 5.74
N ASP D 70 -22.37 -21.70 6.64
CA ASP D 70 -22.64 -21.59 8.08
C ASP D 70 -21.90 -20.41 8.67
N MET D 71 -21.11 -19.73 7.84
CA MET D 71 -20.29 -18.61 8.29
C MET D 71 -21.14 -17.47 8.85
N GLN D 72 -22.06 -16.95 8.04
CA GLN D 72 -22.98 -15.89 8.50
C GLN D 72 -22.30 -14.96 9.53
#